data_1XLZ
#
_entry.id   1XLZ
#
_cell.length_a   89.539
_cell.length_b   94.173
_cell.length_c   106.303
_cell.angle_alpha   90.00
_cell.angle_beta   90.00
_cell.angle_gamma   90.00
#
_symmetry.space_group_name_H-M   'P 21 21 21'
#
loop_
_entity.id
_entity.type
_entity.pdbx_description
1 polymer "cAMP-specific 3',5'-cyclic phosphodiesterase 4B"
2 non-polymer 'ZINC ION'
3 non-polymer 'MAGNESIUM ION'
4 non-polymer '(1E)-1-[3-(CYCLOPENTYLOXY)-4-METHOXYPHENYL]ETHANONE O-(AMINOCARBONYL)OXIME'
5 water water
#
_entity_poly.entity_id   1
_entity_poly.type   'polypeptide(L)'
_entity_poly.pdbx_seq_one_letter_code
;MGSSHHHHHHSSGLVPRGSHMSISRFGVNTENEDHLAKELEDLNKWGLNIFNVAGYSHNRPLT(CME)IMYAIFQERDLL
KTFRISSDTFITYMMTLEDHYHSDVAYHNSLHAADVAQSTHVLLSTPALDAVFTDLEILAAIFAAAIHDVDHPGVSNQFL
INTNSELALMYNDESVLENHHLAVGFKLLQEEH(CME)DIFMNLTKKQRQTLRKMVIDMVLATDMSKHMSLLADLKTMVE
TKKVTSSGVLLLDNYTDRIQVLRNMVHCADLSNPTKSLELYRQWTDRIMEEFFQQGDKERERGMEISPMCDKHTASVEKS
QVGFIDYIVHPLWETWADLVQPDAQDILDTLEDNRNWYQSMIPQSPSPPLDEQNRDCQGLMEKFQFELTLDEEDSEGPEK
EGEGHS
;
_entity_poly.pdbx_strand_id   A,B
#
# COMPACT_ATOMS: atom_id res chain seq x y z
N GLU A 33 10.12 12.81 -39.92
CA GLU A 33 9.55 14.13 -40.36
C GLU A 33 8.35 13.85 -41.28
N ASP A 34 8.61 13.58 -42.56
CA ASP A 34 7.57 13.12 -43.47
C ASP A 34 7.30 11.66 -43.06
N HIS A 35 8.36 10.97 -42.60
CA HIS A 35 8.22 9.58 -42.16
C HIS A 35 7.39 9.48 -40.88
N LEU A 36 7.52 10.50 -40.02
CA LEU A 36 6.82 10.53 -38.75
C LEU A 36 5.32 10.69 -38.99
N ALA A 37 4.96 11.64 -39.86
CA ALA A 37 3.55 11.87 -40.19
C ALA A 37 2.94 10.60 -40.80
N LYS A 38 3.71 9.92 -41.66
CA LYS A 38 3.21 8.69 -42.30
C LYS A 38 2.91 7.62 -41.26
N GLU A 39 3.82 7.48 -40.30
CA GLU A 39 3.66 6.47 -39.27
C GLU A 39 2.50 6.83 -38.37
N LEU A 40 2.37 8.12 -38.04
CA LEU A 40 1.29 8.61 -37.17
C LEU A 40 -0.10 8.55 -37.82
N GLU A 41 -0.19 8.31 -39.13
CA GLU A 41 -1.48 8.12 -39.79
C GLU A 41 -2.20 6.89 -39.19
N ASP A 42 -1.42 6.01 -38.57
CA ASP A 42 -1.94 4.82 -37.89
C ASP A 42 -2.10 5.00 -36.35
N LEU A 43 -2.19 6.25 -35.89
CA LEU A 43 -2.34 6.57 -34.46
C LEU A 43 -3.51 5.81 -33.78
N ASN A 44 -4.64 5.70 -34.47
CA ASN A 44 -5.85 5.04 -33.97
C ASN A 44 -5.90 3.55 -34.26
N LYS A 45 -4.78 3.01 -34.72
CA LYS A 45 -4.72 1.62 -35.13
C LYS A 45 -3.79 0.80 -34.25
N TRP A 46 -4.05 -0.49 -34.22
CA TRP A 46 -3.29 -1.47 -33.46
C TRP A 46 -1.96 -1.76 -34.15
N GLY A 47 -1.94 -1.58 -35.48
CA GLY A 47 -0.74 -1.73 -36.31
C GLY A 47 0.24 -0.54 -36.22
N LEU A 48 -0.04 0.49 -35.42
CA LEU A 48 0.93 1.56 -35.26
C LEU A 48 2.25 0.94 -34.85
N ASN A 49 3.36 1.42 -35.42
CA ASN A 49 4.69 0.90 -35.12
C ASN A 49 5.46 1.94 -34.30
N ILE A 50 5.46 1.76 -32.98
CA ILE A 50 6.10 2.70 -32.05
C ILE A 50 7.63 2.78 -32.18
N PHE A 51 8.28 1.70 -32.63
CA PHE A 51 9.72 1.77 -32.80
C PHE A 51 10.02 2.84 -33.86
N ASN A 52 9.22 2.85 -34.93
CA ASN A 52 9.39 3.82 -36.00
C ASN A 52 9.18 5.24 -35.47
N VAL A 53 8.16 5.44 -34.62
CA VAL A 53 7.95 6.81 -34.14
C VAL A 53 9.11 7.23 -33.27
N ALA A 54 9.65 6.35 -32.44
CA ALA A 54 10.81 6.70 -31.62
C ALA A 54 12.00 7.19 -32.48
N GLY A 55 12.28 6.47 -33.56
CA GLY A 55 13.39 6.79 -34.47
C GLY A 55 13.31 8.16 -35.12
N TYR A 56 12.08 8.64 -35.34
CA TYR A 56 11.81 9.95 -35.97
C TYR A 56 11.43 11.07 -34.98
N SER A 57 11.55 10.81 -33.68
CA SER A 57 11.17 11.80 -32.66
C SER A 57 12.30 12.10 -31.66
N HIS A 58 13.53 11.75 -32.04
CA HIS A 58 14.72 12.01 -31.23
C HIS A 58 14.68 11.26 -29.93
N ASN A 59 14.26 9.99 -30.01
CA ASN A 59 14.10 9.14 -28.84
C ASN A 59 13.17 9.73 -27.79
N ARG A 60 12.12 10.38 -28.26
CA ARG A 60 11.09 10.87 -27.33
C ARG A 60 9.71 10.31 -27.79
N PRO A 61 9.61 8.98 -27.92
CA PRO A 61 8.36 8.33 -28.32
C PRO A 61 7.18 8.67 -27.40
N LEU A 62 7.42 8.70 -26.08
CA LEU A 62 6.35 8.96 -25.10
C LEU A 62 5.79 10.35 -25.27
N THR A 63 6.68 11.33 -25.32
CA THR A 63 6.31 12.72 -25.51
C THR A 63 5.55 12.91 -26.82
N ILE A 65 4.02 10.55 -28.85
CA ILE A 65 2.74 9.85 -28.91
C ILE A 65 1.67 10.42 -27.98
N MET A 66 2.08 10.96 -26.84
CA MET A 66 1.13 11.52 -25.90
C MET A 66 0.56 12.81 -26.45
N TYR A 67 1.41 13.58 -27.11
CA TYR A 67 0.98 14.81 -27.74
C TYR A 67 0.00 14.47 -28.88
N ALA A 68 0.36 13.52 -29.75
CA ALA A 68 -0.54 13.14 -30.85
C ALA A 68 -1.90 12.64 -30.35
N ILE A 69 -1.88 11.80 -29.33
CA ILE A 69 -3.10 11.28 -28.73
C ILE A 69 -3.96 12.37 -28.14
N PHE A 70 -3.35 13.28 -27.39
CA PHE A 70 -4.13 14.34 -26.73
C PHE A 70 -4.80 15.30 -27.74
N GLN A 71 -4.12 15.57 -28.86
CA GLN A 71 -4.66 16.41 -29.92
C GLN A 71 -5.82 15.75 -30.67
N GLU A 72 -5.62 14.47 -30.99
CA GLU A 72 -6.63 13.65 -31.65
C GLU A 72 -7.95 13.59 -30.86
N ARG A 73 -7.84 13.56 -29.52
CA ARG A 73 -9.01 13.43 -28.63
C ARG A 73 -9.47 14.77 -28.07
N ASP A 74 -8.85 15.85 -28.54
CA ASP A 74 -9.13 17.21 -28.09
C ASP A 74 -9.00 17.45 -26.58
N LEU A 75 -8.18 16.65 -25.91
CA LEU A 75 -8.03 16.73 -24.47
C LEU A 75 -7.38 18.02 -23.98
N LEU A 76 -6.50 18.63 -24.79
CA LEU A 76 -5.89 19.88 -24.37
C LEU A 76 -6.96 21.00 -24.29
N LYS A 77 -7.83 21.05 -25.29
CA LYS A 77 -8.91 22.04 -25.33
C LYS A 77 -9.91 21.77 -24.20
N THR A 78 -10.31 20.51 -24.06
CA THR A 78 -11.33 20.10 -23.10
C THR A 78 -10.96 20.40 -21.66
N PHE A 79 -9.73 20.08 -21.28
CA PHE A 79 -9.27 20.31 -19.92
C PHE A 79 -8.38 21.57 -19.73
N ARG A 80 -8.42 22.49 -20.70
CA ARG A 80 -7.66 23.76 -20.66
C ARG A 80 -6.20 23.52 -20.20
N ILE A 81 -5.56 22.58 -20.86
CA ILE A 81 -4.17 22.28 -20.58
C ILE A 81 -3.31 23.01 -21.60
N SER A 82 -2.41 23.87 -21.14
CA SER A 82 -1.54 24.59 -22.08
C SER A 82 -0.56 23.59 -22.72
N SER A 83 -0.22 23.81 -24.00
CA SER A 83 0.69 22.89 -24.73
C SER A 83 2.08 22.89 -24.13
N ASP A 84 2.59 24.07 -23.81
CA ASP A 84 3.92 24.22 -23.22
C ASP A 84 4.00 23.40 -21.93
N THR A 85 3.00 23.58 -21.09
CA THR A 85 2.91 22.87 -19.81
C THR A 85 2.86 21.37 -20.00
N PHE A 86 2.09 20.93 -20.99
CA PHE A 86 1.96 19.49 -21.28
C PHE A 86 3.27 18.89 -21.78
N ILE A 87 3.95 19.61 -22.67
CA ILE A 87 5.20 19.12 -23.23
C ILE A 87 6.28 19.06 -22.16
N THR A 88 6.32 20.08 -21.31
CA THR A 88 7.32 20.14 -20.24
C THR A 88 7.13 18.93 -19.30
N TYR A 89 5.89 18.68 -18.90
CA TYR A 89 5.58 17.54 -18.04
C TYR A 89 5.95 16.26 -18.73
N MET A 90 5.51 16.09 -19.98
CA MET A 90 5.75 14.84 -20.70
C MET A 90 7.22 14.58 -20.93
N MET A 91 7.99 15.63 -21.20
CA MET A 91 9.44 15.48 -21.44
C MET A 91 10.16 15.14 -20.15
N THR A 92 9.77 15.78 -19.05
CA THR A 92 10.34 15.48 -17.74
C THR A 92 9.98 14.02 -17.40
N LEU A 93 8.72 13.65 -17.60
CA LEU A 93 8.26 12.30 -17.28
C LEU A 93 9.06 11.28 -18.07
N GLU A 94 9.19 11.53 -19.38
CA GLU A 94 9.96 10.65 -20.26
C GLU A 94 11.40 10.51 -19.84
N ASP A 95 12.01 11.62 -19.41
CA ASP A 95 13.40 11.61 -19.00
C ASP A 95 13.61 10.82 -17.71
N HIS A 96 12.50 10.56 -16.99
CA HIS A 96 12.50 9.76 -15.77
C HIS A 96 12.40 8.26 -16.02
N TYR A 97 12.07 7.84 -17.24
CA TYR A 97 12.23 6.43 -17.64
C TYR A 97 13.72 6.29 -17.93
N HIS A 98 14.29 5.14 -17.63
CA HIS A 98 15.73 4.89 -17.78
C HIS A 98 16.07 4.36 -19.15
N SER A 99 16.91 5.09 -19.87
CA SER A 99 17.30 4.69 -21.23
C SER A 99 18.15 3.40 -21.29
N ASP A 100 18.90 3.08 -20.23
CA ASP A 100 19.72 1.84 -20.21
C ASP A 100 18.99 0.57 -19.72
N VAL A 101 17.68 0.64 -19.58
CA VAL A 101 16.89 -0.52 -19.19
C VAL A 101 16.30 -1.00 -20.51
N ALA A 102 16.47 -2.29 -20.82
CA ALA A 102 16.10 -2.81 -22.12
C ALA A 102 14.64 -2.76 -22.51
N TYR A 103 13.76 -3.10 -21.56
CA TYR A 103 12.35 -3.16 -21.87
C TYR A 103 11.57 -2.03 -21.22
N HIS A 104 11.72 -1.86 -19.91
CA HIS A 104 10.92 -0.85 -19.18
C HIS A 104 11.44 0.60 -19.29
N ASN A 105 11.59 1.07 -20.52
CA ASN A 105 12.04 2.42 -20.85
C ASN A 105 10.84 3.18 -21.43
N SER A 106 11.04 4.40 -21.93
CA SER A 106 9.91 5.22 -22.39
C SER A 106 9.18 4.65 -23.62
N LEU A 107 9.82 3.78 -24.36
CA LEU A 107 9.21 3.19 -25.54
C LEU A 107 8.03 2.28 -25.13
N HIS A 108 8.22 1.51 -24.06
CA HIS A 108 7.17 0.67 -23.52
C HIS A 108 6.02 1.52 -22.99
N ALA A 109 6.32 2.58 -22.26
CA ALA A 109 5.26 3.43 -21.77
C ALA A 109 4.50 4.00 -22.97
N ALA A 110 5.22 4.46 -23.99
CA ALA A 110 4.61 5.01 -25.17
C ALA A 110 3.70 3.96 -25.88
N ASP A 111 4.10 2.69 -25.85
CA ASP A 111 3.36 1.59 -26.45
C ASP A 111 2.10 1.29 -25.67
N VAL A 112 2.20 1.34 -24.35
CA VAL A 112 1.07 1.07 -23.50
C VAL A 112 0.06 2.24 -23.65
N ALA A 113 0.56 3.45 -23.75
CA ALA A 113 -0.33 4.62 -23.88
C ALA A 113 -1.11 4.57 -25.21
N GLN A 114 -0.42 4.30 -26.31
CA GLN A 114 -1.05 4.23 -27.63
C GLN A 114 -2.06 3.08 -27.69
N SER A 115 -1.70 1.92 -27.15
CA SER A 115 -2.58 0.78 -27.10
C SER A 115 -3.85 1.08 -26.31
N THR A 116 -3.69 1.75 -25.19
CA THR A 116 -4.82 2.16 -24.36
C THR A 116 -5.71 3.13 -25.17
N HIS A 117 -5.06 4.00 -25.93
CA HIS A 117 -5.78 4.94 -26.74
C HIS A 117 -6.65 4.19 -27.76
N VAL A 118 -6.16 3.09 -28.32
CA VAL A 118 -6.95 2.33 -29.29
C VAL A 118 -8.10 1.56 -28.61
N LEU A 119 -7.82 0.95 -27.46
CA LEU A 119 -8.82 0.15 -26.73
C LEU A 119 -9.99 0.99 -26.26
N LEU A 120 -9.71 2.21 -25.85
CA LEU A 120 -10.73 3.16 -25.40
C LEU A 120 -11.77 3.45 -26.49
N SER A 121 -11.39 3.24 -27.75
CA SER A 121 -12.24 3.44 -28.91
C SER A 121 -12.96 2.17 -29.40
N THR A 122 -12.77 1.04 -28.73
CA THR A 122 -13.46 -0.19 -29.08
C THR A 122 -14.96 0.13 -29.23
N PRO A 123 -15.60 -0.29 -30.33
CA PRO A 123 -17.03 0.03 -30.55
C PRO A 123 -17.94 -0.34 -29.38
N ALA A 124 -17.65 -1.43 -28.67
CA ALA A 124 -18.49 -1.84 -27.54
C ALA A 124 -18.45 -0.88 -26.35
N LEU A 125 -17.44 0.00 -26.31
CA LEU A 125 -17.30 0.96 -25.21
C LEU A 125 -17.68 2.38 -25.61
N ASP A 126 -18.25 2.53 -26.79
CA ASP A 126 -18.62 3.85 -27.32
C ASP A 126 -19.47 4.68 -26.36
N ALA A 127 -18.91 5.82 -25.95
CA ALA A 127 -19.59 6.81 -25.11
C ALA A 127 -19.86 6.36 -23.68
N VAL A 128 -19.21 5.29 -23.26
CA VAL A 128 -19.41 4.77 -21.93
C VAL A 128 -18.60 5.60 -20.90
N PHE A 129 -17.46 6.11 -21.32
CA PHE A 129 -16.58 6.84 -20.43
C PHE A 129 -16.67 8.35 -20.54
N THR A 130 -16.49 9.03 -19.41
CA THR A 130 -16.46 10.48 -19.42
C THR A 130 -15.10 10.88 -19.98
N ASP A 131 -14.97 12.15 -20.34
CA ASP A 131 -13.69 12.67 -20.79
C ASP A 131 -12.63 12.55 -19.66
N LEU A 132 -13.04 12.74 -18.41
CA LEU A 132 -12.11 12.64 -17.29
C LEU A 132 -11.52 11.20 -17.15
N GLU A 133 -12.36 10.19 -17.40
CA GLU A 133 -11.94 8.78 -17.35
C GLU A 133 -10.98 8.46 -18.48
N ILE A 134 -11.27 8.98 -19.67
CA ILE A 134 -10.43 8.80 -20.84
C ILE A 134 -9.07 9.41 -20.53
N LEU A 135 -9.09 10.63 -19.99
CA LEU A 135 -7.86 11.34 -19.62
C LEU A 135 -7.04 10.52 -18.61
N ALA A 136 -7.68 9.96 -17.58
CA ALA A 136 -6.98 9.19 -16.55
C ALA A 136 -6.34 7.90 -17.03
N ALA A 137 -7.01 7.20 -17.92
CA ALA A 137 -6.48 5.92 -18.42
C ALA A 137 -5.20 6.08 -19.24
N ILE A 138 -5.20 7.06 -20.14
CA ILE A 138 -4.06 7.38 -20.98
C ILE A 138 -2.93 7.96 -20.11
N PHE A 139 -3.28 8.88 -19.20
CA PHE A 139 -2.29 9.42 -18.27
C PHE A 139 -1.68 8.28 -17.48
N ALA A 140 -2.53 7.40 -16.97
CA ALA A 140 -2.07 6.23 -16.20
C ALA A 140 -1.10 5.38 -16.99
N ALA A 141 -1.41 5.17 -18.28
CA ALA A 141 -0.53 4.33 -19.12
C ALA A 141 0.83 4.99 -19.33
N ALA A 142 0.84 6.30 -19.53
CA ALA A 142 2.08 7.07 -19.72
C ALA A 142 3.07 6.99 -18.53
N ILE A 143 2.52 7.09 -17.31
CA ILE A 143 3.33 7.11 -16.11
C ILE A 143 3.52 5.74 -15.52
N HIS A 144 2.80 4.72 -16.03
CA HIS A 144 2.67 3.45 -15.32
C HIS A 144 3.95 2.70 -14.94
N ASP A 145 5.07 2.96 -15.63
CA ASP A 145 6.35 2.27 -15.30
C ASP A 145 7.53 3.26 -15.10
N VAL A 146 7.23 4.51 -14.77
CA VAL A 146 8.28 5.54 -14.71
C VAL A 146 9.31 5.27 -13.61
N ASP A 147 10.56 5.51 -13.95
CA ASP A 147 11.70 5.26 -13.06
C ASP A 147 11.87 3.77 -12.75
N HIS A 148 11.49 2.91 -13.68
CA HIS A 148 11.64 1.46 -13.50
C HIS A 148 13.13 1.15 -13.56
N PRO A 149 13.68 0.40 -12.60
CA PRO A 149 15.12 0.09 -12.58
C PRO A 149 15.56 -1.14 -13.34
N GLY A 150 14.63 -1.88 -13.92
CA GLY A 150 14.95 -3.02 -14.72
C GLY A 150 15.09 -4.31 -13.94
N VAL A 151 14.59 -4.30 -12.72
CA VAL A 151 14.56 -5.52 -11.91
C VAL A 151 13.17 -5.63 -11.29
N SER A 152 12.81 -6.83 -10.93
CA SER A 152 11.45 -7.09 -10.43
C SER A 152 11.21 -6.72 -8.95
N ASN A 153 9.94 -6.63 -8.58
CA ASN A 153 9.53 -6.37 -7.20
C ASN A 153 10.22 -7.37 -6.29
N GLN A 154 10.22 -8.66 -6.67
CA GLN A 154 10.82 -9.69 -5.80
C GLN A 154 12.30 -9.47 -5.59
N PHE A 155 13.01 -9.03 -6.64
CA PHE A 155 14.44 -8.73 -6.54
C PHE A 155 14.64 -7.58 -5.55
N LEU A 156 13.83 -6.54 -5.68
CA LEU A 156 13.93 -5.40 -4.76
C LEU A 156 13.65 -5.84 -3.31
N ILE A 157 12.70 -6.74 -3.09
CA ILE A 157 12.38 -7.26 -1.74
C ILE A 157 13.54 -8.11 -1.18
N ASN A 158 14.08 -9.03 -1.98
CA ASN A 158 15.14 -9.96 -1.55
C ASN A 158 16.48 -9.27 -1.29
N THR A 159 16.77 -8.16 -1.98
CA THR A 159 18.01 -7.42 -1.76
C THR A 159 17.86 -6.28 -0.75
N ASN A 160 16.75 -6.27 0.00
CA ASN A 160 16.45 -5.21 0.97
C ASN A 160 16.66 -3.80 0.41
N SER A 161 16.21 -3.57 -0.81
CA SER A 161 16.38 -2.28 -1.43
C SER A 161 15.60 -1.19 -0.69
N GLU A 162 16.04 0.04 -0.88
CA GLU A 162 15.39 1.17 -0.25
C GLU A 162 13.93 1.28 -0.66
N LEU A 163 13.64 0.98 -1.92
CA LEU A 163 12.25 0.98 -2.42
C LEU A 163 11.35 -0.01 -1.66
N ALA A 164 11.85 -1.21 -1.42
CA ALA A 164 11.08 -2.23 -0.71
C ALA A 164 10.88 -1.85 0.75
N LEU A 165 11.88 -1.23 1.37
CA LEU A 165 11.78 -0.77 2.75
C LEU A 165 10.76 0.35 2.83
N MET A 166 10.77 1.25 1.86
CA MET A 166 9.82 2.34 1.79
C MET A 166 8.34 1.87 1.65
N TYR A 167 8.12 0.93 0.77
CA TYR A 167 6.77 0.45 0.45
C TYR A 167 6.37 -0.87 1.12
N ASN A 168 7.06 -1.26 2.17
CA ASN A 168 6.74 -2.46 2.92
C ASN A 168 6.37 -3.71 2.07
N ASP A 169 7.18 -3.94 1.04
CA ASP A 169 7.08 -5.12 0.16
C ASP A 169 5.83 -5.25 -0.69
N GLU A 170 4.92 -4.27 -0.66
CA GLU A 170 3.66 -4.38 -1.40
C GLU A 170 3.63 -3.48 -2.63
N SER A 171 3.46 -4.11 -3.79
CA SER A 171 3.43 -3.47 -5.09
C SER A 171 4.52 -2.40 -5.09
N VAL A 172 5.74 -2.80 -4.80
CA VAL A 172 6.84 -1.85 -4.62
C VAL A 172 7.03 -0.88 -5.80
N LEU A 173 7.29 -1.44 -6.97
CA LEU A 173 7.53 -0.65 -8.19
C LEU A 173 6.35 0.26 -8.56
N GLU A 174 5.15 -0.30 -8.46
CA GLU A 174 3.92 0.36 -8.88
C GLU A 174 3.56 1.54 -7.99
N ASN A 175 3.78 1.39 -6.67
CA ASN A 175 3.57 2.54 -5.77
C ASN A 175 4.61 3.59 -6.15
N HIS A 176 5.83 3.13 -6.45
CA HIS A 176 6.89 4.05 -6.87
C HIS A 176 6.54 4.84 -8.17
N HIS A 177 6.04 4.15 -9.20
CA HIS A 177 5.72 4.79 -10.49
C HIS A 177 4.68 5.89 -10.27
N LEU A 178 3.69 5.62 -9.42
CA LEU A 178 2.66 6.57 -9.10
C LEU A 178 3.19 7.79 -8.36
N ALA A 179 4.04 7.54 -7.38
CA ALA A 179 4.62 8.57 -6.55
C ALA A 179 5.40 9.56 -7.39
N VAL A 180 6.21 9.05 -8.32
CA VAL A 180 7.01 9.87 -9.20
C VAL A 180 6.14 10.68 -10.16
N GLY A 181 5.19 10.02 -10.81
CA GLY A 181 4.32 10.68 -11.76
C GLY A 181 3.49 11.79 -11.15
N PHE A 182 2.99 11.56 -9.94
CA PHE A 182 2.18 12.56 -9.25
C PHE A 182 3.05 13.67 -8.63
N LYS A 183 4.26 13.32 -8.21
CA LYS A 183 5.27 14.24 -7.66
C LYS A 183 5.63 15.29 -8.70
N LEU A 184 5.79 14.85 -9.94
CA LEU A 184 6.14 15.73 -11.04
C LEU A 184 5.04 16.76 -11.35
N LEU A 185 3.79 16.43 -11.03
CA LEU A 185 2.68 17.36 -11.22
C LEU A 185 2.68 18.52 -10.20
N GLN A 186 3.52 18.45 -9.17
CA GLN A 186 3.56 19.46 -8.09
C GLN A 186 4.14 20.83 -8.44
N GLU A 187 5.04 20.92 -9.41
CA GLU A 187 5.59 22.22 -9.82
C GLU A 187 4.61 22.94 -10.75
N GLU A 188 4.36 24.23 -10.53
CA GLU A 188 3.41 25.00 -11.37
C GLU A 188 3.67 24.86 -12.89
N HIS A 189 4.94 24.96 -13.29
CA HIS A 189 5.34 24.81 -14.69
C HIS A 189 5.19 23.35 -15.25
N ASP A 191 2.11 21.37 -13.84
CA ASP A 191 0.77 20.91 -13.47
C ASP A 191 -0.25 21.03 -14.61
N ILE A 192 -0.33 19.95 -15.38
CA ILE A 192 -1.26 19.84 -16.49
C ILE A 192 -2.73 19.76 -16.04
N PHE A 193 -2.97 19.42 -14.79
CA PHE A 193 -4.35 19.33 -14.29
C PHE A 193 -4.78 20.58 -13.52
N MET A 194 -3.99 21.64 -13.60
CA MET A 194 -4.25 22.91 -12.92
C MET A 194 -5.68 23.40 -13.13
N ASN A 195 -6.13 23.37 -14.37
CA ASN A 195 -7.47 23.86 -14.72
C ASN A 195 -8.62 22.88 -14.53
N LEU A 196 -8.33 21.70 -14.00
CA LEU A 196 -9.41 20.78 -13.65
C LEU A 196 -10.03 21.28 -12.34
N THR A 197 -11.24 20.81 -12.09
CA THR A 197 -11.98 21.09 -10.87
C THR A 197 -11.28 20.36 -9.70
N LYS A 198 -11.49 20.81 -8.46
CA LYS A 198 -10.88 20.16 -7.30
C LYS A 198 -11.40 18.73 -7.23
N LYS A 199 -12.70 18.57 -7.40
CA LYS A 199 -13.32 17.24 -7.40
C LYS A 199 -12.81 16.39 -8.55
N GLN A 200 -12.56 17.02 -9.70
CA GLN A 200 -12.07 16.31 -10.87
C GLN A 200 -10.66 15.76 -10.61
N ARG A 201 -9.82 16.55 -9.95
CA ARG A 201 -8.44 16.14 -9.60
C ARG A 201 -8.48 14.95 -8.63
N GLN A 202 -9.38 14.98 -7.64
CA GLN A 202 -9.55 13.88 -6.68
C GLN A 202 -10.01 12.60 -7.38
N THR A 203 -10.98 12.71 -8.28
CA THR A 203 -11.51 11.54 -9.00
C THR A 203 -10.43 10.97 -9.92
N LEU A 204 -9.70 11.84 -10.61
CA LEU A 204 -8.67 11.39 -11.54
C LEU A 204 -7.58 10.69 -10.77
N ARG A 205 -7.16 11.29 -9.66
CA ARG A 205 -6.10 10.70 -8.83
C ARG A 205 -6.52 9.33 -8.34
N LYS A 206 -7.74 9.22 -7.83
CA LYS A 206 -8.23 7.93 -7.36
C LYS A 206 -8.18 6.90 -8.52
N MET A 207 -8.65 7.28 -9.71
CA MET A 207 -8.70 6.35 -10.83
C MET A 207 -7.30 5.94 -11.28
N VAL A 208 -6.38 6.90 -11.34
CA VAL A 208 -5.03 6.63 -11.80
C VAL A 208 -4.28 5.69 -10.85
N ILE A 209 -4.41 5.89 -9.54
CA ILE A 209 -3.78 5.05 -8.55
C ILE A 209 -4.29 3.62 -8.74
N ASP A 210 -5.61 3.49 -8.84
CA ASP A 210 -6.28 2.21 -9.09
C ASP A 210 -5.66 1.52 -10.31
N MET A 211 -5.62 2.23 -11.44
CA MET A 211 -5.09 1.64 -12.67
C MET A 211 -3.63 1.18 -12.64
N VAL A 212 -2.75 1.98 -12.07
CA VAL A 212 -1.34 1.59 -12.05
C VAL A 212 -1.08 0.46 -11.09
N LEU A 213 -1.75 0.47 -9.93
CA LEU A 213 -1.59 -0.61 -8.97
C LEU A 213 -2.07 -1.90 -9.60
N ALA A 214 -3.05 -1.81 -10.51
CA ALA A 214 -3.53 -3.01 -11.20
C ALA A 214 -2.54 -3.57 -12.23
N THR A 215 -1.44 -2.87 -12.54
CA THR A 215 -0.45 -3.42 -13.50
C THR A 215 0.55 -4.36 -12.83
N ASP A 216 0.48 -4.50 -11.52
CA ASP A 216 1.34 -5.41 -10.72
C ASP A 216 0.92 -6.83 -11.06
N MET A 217 1.79 -7.59 -11.71
CA MET A 217 1.47 -8.94 -12.13
C MET A 217 1.00 -9.89 -11.02
N SER A 218 1.39 -9.63 -9.77
CA SER A 218 0.95 -10.50 -8.67
C SER A 218 -0.58 -10.43 -8.44
N LYS A 219 -1.22 -9.39 -8.96
CA LYS A 219 -2.67 -9.21 -8.88
C LYS A 219 -3.40 -9.71 -10.15
N HIS A 220 -2.68 -10.32 -11.08
CA HIS A 220 -3.24 -10.70 -12.35
C HIS A 220 -4.39 -11.71 -12.24
N MET A 221 -4.20 -12.79 -11.49
CA MET A 221 -5.24 -13.80 -11.33
C MET A 221 -6.51 -13.23 -10.74
N SER A 222 -6.35 -12.38 -9.72
CA SER A 222 -7.48 -11.71 -9.06
C SER A 222 -8.23 -10.76 -10.02
N LEU A 223 -7.48 -10.05 -10.85
CA LEU A 223 -8.06 -9.13 -11.81
C LEU A 223 -8.86 -9.91 -12.86
N LEU A 224 -8.30 -11.03 -13.31
CA LEU A 224 -8.87 -11.87 -14.35
C LEU A 224 -10.17 -12.52 -13.83
N ALA A 225 -10.14 -13.03 -12.60
CA ALA A 225 -11.32 -13.64 -12.01
C ALA A 225 -12.45 -12.62 -11.96
N ASP A 226 -12.13 -11.39 -11.56
CA ASP A 226 -13.13 -10.33 -11.48
C ASP A 226 -13.63 -9.86 -12.84
N LEU A 227 -12.77 -9.94 -13.85
CA LEU A 227 -13.17 -9.59 -15.19
C LEU A 227 -14.14 -10.64 -15.74
N LYS A 228 -13.87 -11.91 -15.44
CA LYS A 228 -14.72 -13.02 -15.88
C LYS A 228 -16.13 -12.94 -15.29
N THR A 229 -16.22 -12.41 -14.08
CA THR A 229 -17.50 -12.24 -13.39
C THR A 229 -18.29 -11.09 -14.01
N MET A 230 -17.60 -10.04 -14.43
CA MET A 230 -18.23 -8.91 -15.11
C MET A 230 -18.73 -9.34 -16.49
N VAL A 231 -17.98 -10.19 -17.17
CA VAL A 231 -18.41 -10.74 -18.45
C VAL A 231 -19.68 -11.54 -18.22
N GLU A 232 -19.69 -12.39 -17.19
CA GLU A 232 -20.84 -13.25 -16.84
C GLU A 232 -22.14 -12.46 -16.74
N THR A 233 -22.10 -11.33 -16.07
CA THR A 233 -23.28 -10.48 -15.88
C THR A 233 -23.30 -9.27 -16.80
N LYS A 234 -22.67 -9.39 -17.97
CA LYS A 234 -22.62 -8.31 -18.94
C LYS A 234 -24.00 -7.95 -19.47
N LYS A 235 -24.25 -6.66 -19.56
CA LYS A 235 -25.49 -6.10 -20.05
C LYS A 235 -25.16 -5.07 -21.13
N VAL A 236 -25.97 -4.99 -22.18
CA VAL A 236 -25.75 -4.07 -23.28
C VAL A 236 -27.03 -3.35 -23.73
N THR A 237 -26.84 -2.30 -24.52
CA THR A 237 -27.98 -1.62 -25.12
C THR A 237 -28.38 -2.51 -26.31
N SER A 238 -29.52 -2.22 -26.92
CA SER A 238 -29.94 -3.00 -28.08
C SER A 238 -28.87 -2.98 -29.19
N SER A 239 -28.17 -1.85 -29.31
CA SER A 239 -27.13 -1.65 -30.34
C SER A 239 -25.73 -2.19 -29.99
N GLY A 240 -25.64 -3.16 -29.08
CA GLY A 240 -24.37 -3.77 -28.74
C GLY A 240 -23.31 -2.89 -28.08
N VAL A 241 -23.72 -2.04 -27.14
CA VAL A 241 -22.79 -1.18 -26.40
C VAL A 241 -22.96 -1.51 -24.93
N LEU A 242 -21.85 -1.75 -24.23
CA LEU A 242 -21.89 -2.09 -22.82
C LEU A 242 -22.58 -1.06 -21.97
N LEU A 243 -23.25 -1.56 -20.93
CA LEU A 243 -23.93 -0.75 -19.95
C LEU A 243 -23.15 -0.93 -18.66
N LEU A 244 -22.54 0.16 -18.21
CA LEU A 244 -21.77 0.17 -16.99
C LEU A 244 -22.49 1.14 -16.05
N ASP A 245 -23.10 0.57 -15.01
CA ASP A 245 -23.92 1.34 -14.07
C ASP A 245 -23.13 2.35 -13.25
N ASN A 246 -22.40 1.86 -12.24
CA ASN A 246 -21.70 2.71 -11.31
C ASN A 246 -20.23 2.93 -11.64
N TYR A 247 -19.65 3.84 -10.88
CA TYR A 247 -18.23 4.09 -10.97
C TYR A 247 -17.47 2.75 -10.83
N THR A 248 -17.95 1.85 -9.96
CA THR A 248 -17.26 0.57 -9.72
C THR A 248 -17.02 -0.26 -10.97
N ASP A 249 -18.03 -0.38 -11.80
CA ASP A 249 -17.96 -1.18 -13.01
C ASP A 249 -17.05 -0.51 -14.06
N ARG A 250 -17.18 0.80 -14.21
CA ARG A 250 -16.39 1.56 -15.17
C ARG A 250 -14.92 1.45 -14.84
N ILE A 251 -14.54 1.68 -13.59
CA ILE A 251 -13.12 1.59 -13.18
C ILE A 251 -12.58 0.16 -13.26
N GLN A 252 -13.42 -0.84 -13.09
CA GLN A 252 -12.95 -2.21 -13.22
C GLN A 252 -12.56 -2.53 -14.69
N VAL A 253 -13.33 -1.97 -15.64
CA VAL A 253 -13.04 -2.15 -17.06
C VAL A 253 -11.77 -1.39 -17.40
N LEU A 254 -11.65 -0.16 -16.90
CA LEU A 254 -10.46 0.68 -17.18
C LEU A 254 -9.19 0.05 -16.61
N ARG A 255 -9.26 -0.45 -15.38
CA ARG A 255 -8.14 -1.19 -14.76
C ARG A 255 -7.69 -2.33 -15.66
N ASN A 256 -8.67 -3.08 -16.16
CA ASN A 256 -8.39 -4.25 -16.98
C ASN A 256 -7.92 -3.88 -18.37
N MET A 257 -8.36 -2.72 -18.86
CA MET A 257 -7.98 -2.26 -20.17
C MET A 257 -6.51 -1.89 -20.16
N VAL A 258 -6.08 -1.22 -19.09
CA VAL A 258 -4.68 -0.81 -18.98
C VAL A 258 -3.81 -2.05 -18.81
N HIS A 259 -4.32 -3.07 -18.12
CA HIS A 259 -3.56 -4.30 -17.87
C HIS A 259 -3.41 -5.08 -19.20
N CYS A 260 -4.45 -5.12 -20.04
CA CYS A 260 -4.36 -5.76 -21.35
C CYS A 260 -3.35 -5.00 -22.22
N ALA A 261 -3.38 -3.67 -22.16
CA ALA A 261 -2.44 -2.88 -22.96
C ALA A 261 -1.01 -3.20 -22.56
N ASP A 262 -0.82 -3.41 -21.27
CA ASP A 262 0.48 -3.78 -20.73
C ASP A 262 0.91 -5.18 -21.16
N LEU A 263 -0.07 -6.06 -21.36
CA LEU A 263 0.21 -7.42 -21.84
C LEU A 263 -0.23 -7.56 -23.29
N SER A 264 -0.11 -6.47 -24.05
CA SER A 264 -0.49 -6.50 -25.46
C SER A 264 0.61 -6.91 -26.42
N ASN A 265 1.87 -6.96 -26.01
CA ASN A 265 2.93 -7.30 -26.98
C ASN A 265 2.60 -8.52 -27.89
N PRO A 266 2.18 -9.67 -27.34
CA PRO A 266 1.91 -10.84 -28.19
C PRO A 266 0.69 -10.71 -29.13
N THR A 267 -0.12 -9.67 -28.96
CA THR A 267 -1.25 -9.43 -29.85
C THR A 267 -0.92 -8.52 -31.03
N LYS A 268 0.30 -7.98 -31.08
CA LYS A 268 0.72 -7.13 -32.19
C LYS A 268 1.36 -7.99 -33.28
N SER A 269 1.69 -7.36 -34.41
CA SER A 269 2.31 -8.08 -35.54
C SER A 269 3.53 -8.84 -35.06
N LEU A 270 3.89 -9.92 -35.73
CA LEU A 270 5.02 -10.74 -35.33
C LEU A 270 6.34 -9.95 -35.28
N GLU A 271 6.54 -9.07 -36.26
CA GLU A 271 7.73 -8.20 -36.31
C GLU A 271 7.88 -7.32 -35.03
N LEU A 272 6.76 -6.76 -34.56
CA LEU A 272 6.75 -5.93 -33.37
C LEU A 272 6.93 -6.82 -32.15
N TYR A 273 6.16 -7.90 -32.08
CA TYR A 273 6.19 -8.82 -30.94
C TYR A 273 7.59 -9.37 -30.68
N ARG A 274 8.32 -9.75 -31.73
CA ARG A 274 9.68 -10.27 -31.59
C ARG A 274 10.66 -9.23 -31.05
N GLN A 275 10.53 -7.97 -31.42
CA GLN A 275 11.41 -6.93 -30.89
C GLN A 275 11.10 -6.78 -29.40
N TRP A 276 9.82 -6.81 -29.03
CA TRP A 276 9.43 -6.73 -27.62
C TRP A 276 9.99 -7.91 -26.82
N THR A 277 9.97 -9.10 -27.41
CA THR A 277 10.50 -10.29 -26.74
C THR A 277 11.99 -10.17 -26.52
N ASP A 278 12.73 -9.74 -27.53
CA ASP A 278 14.17 -9.52 -27.41
C ASP A 278 14.51 -8.56 -26.25
N ARG A 279 13.71 -7.51 -26.09
CA ARG A 279 13.94 -6.54 -25.04
C ARG A 279 13.67 -7.11 -23.66
N ILE A 280 12.55 -7.81 -23.48
CA ILE A 280 12.26 -8.31 -22.14
C ILE A 280 13.28 -9.37 -21.70
N MET A 281 13.73 -10.20 -22.64
CA MET A 281 14.72 -11.23 -22.31
C MET A 281 16.05 -10.58 -21.97
N GLU A 282 16.40 -9.52 -22.68
CA GLU A 282 17.65 -8.83 -22.34
C GLU A 282 17.54 -8.31 -20.91
N GLU A 283 16.39 -7.76 -20.56
CA GLU A 283 16.21 -7.20 -19.22
C GLU A 283 16.21 -8.31 -18.16
N PHE A 284 15.46 -9.38 -18.42
CA PHE A 284 15.39 -10.52 -17.51
C PHE A 284 16.73 -11.20 -17.31
N PHE A 285 17.48 -11.39 -18.38
CA PHE A 285 18.79 -12.07 -18.29
C PHE A 285 19.79 -11.20 -17.53
N GLN A 286 19.72 -9.87 -17.70
CA GLN A 286 20.56 -8.95 -16.94
C GLN A 286 20.22 -9.08 -15.44
N GLN A 287 18.92 -9.27 -15.12
CA GLN A 287 18.52 -9.47 -13.74
C GLN A 287 19.16 -10.74 -13.22
N GLY A 288 19.04 -11.83 -13.98
CA GLY A 288 19.68 -13.08 -13.63
C GLY A 288 21.17 -12.91 -13.37
N ASP A 289 21.85 -12.11 -14.20
CA ASP A 289 23.29 -11.87 -14.01
C ASP A 289 23.52 -11.18 -12.68
N LYS A 290 22.69 -10.19 -12.34
CA LYS A 290 22.82 -9.52 -11.04
C LYS A 290 22.56 -10.51 -9.91
N GLU A 291 21.60 -11.42 -10.09
CA GLU A 291 21.31 -12.41 -9.03
C GLU A 291 22.52 -13.33 -8.79
N ARG A 292 23.08 -13.88 -9.88
CA ARG A 292 24.24 -14.75 -9.80
C ARG A 292 25.43 -14.07 -9.12
N GLU A 293 25.73 -12.83 -9.50
CA GLU A 293 26.83 -12.06 -8.92
C GLU A 293 26.74 -12.09 -7.40
N ARG A 294 25.53 -11.85 -6.89
CA ARG A 294 25.25 -11.75 -5.45
C ARG A 294 25.04 -13.07 -4.71
N GLY A 295 25.19 -14.20 -5.40
CA GLY A 295 25.00 -15.51 -4.78
C GLY A 295 23.57 -15.82 -4.39
N MET A 296 22.61 -15.15 -5.05
CA MET A 296 21.20 -15.37 -4.80
C MET A 296 20.72 -16.53 -5.66
N GLU A 297 19.50 -16.98 -5.40
CA GLU A 297 18.86 -17.98 -6.23
C GLU A 297 18.52 -17.27 -7.57
N ILE A 298 18.81 -17.91 -8.69
CA ILE A 298 18.50 -17.31 -9.98
C ILE A 298 17.07 -17.67 -10.38
N SER A 299 16.27 -16.63 -10.63
CA SER A 299 14.90 -16.82 -11.10
C SER A 299 14.97 -17.60 -12.45
N PRO A 300 14.22 -18.71 -12.60
CA PRO A 300 14.35 -19.59 -13.79
C PRO A 300 14.28 -18.91 -15.18
N MET A 301 13.29 -18.05 -15.41
CA MET A 301 13.15 -17.39 -16.70
C MET A 301 14.14 -16.26 -16.87
N CYS A 302 14.91 -15.96 -15.82
CA CYS A 302 15.95 -14.95 -15.86
C CYS A 302 17.34 -15.55 -16.02
N ASP A 303 17.42 -16.87 -16.08
CA ASP A 303 18.67 -17.60 -16.23
C ASP A 303 19.08 -17.82 -17.70
N LYS A 304 20.01 -17.01 -18.19
CA LYS A 304 20.46 -17.08 -19.59
C LYS A 304 21.04 -18.43 -20.04
N HIS A 305 21.59 -19.20 -19.10
CA HIS A 305 22.23 -20.51 -19.42
C HIS A 305 21.29 -21.70 -19.57
N THR A 306 20.01 -21.53 -19.20
CA THR A 306 19.02 -22.61 -19.21
C THR A 306 17.67 -22.26 -19.85
N ALA A 307 17.24 -21.01 -19.72
CA ALA A 307 15.91 -20.62 -20.21
C ALA A 307 15.76 -20.57 -21.72
N SER A 308 14.69 -21.18 -22.21
CA SER A 308 14.32 -21.15 -23.61
C SER A 308 13.45 -19.92 -23.82
N VAL A 309 13.90 -19.02 -24.69
CA VAL A 309 13.15 -17.81 -25.00
C VAL A 309 11.80 -18.18 -25.60
N GLU A 310 11.81 -19.16 -26.49
CA GLU A 310 10.64 -19.62 -27.26
C GLU A 310 9.61 -20.29 -26.35
N LYS A 311 10.05 -21.26 -25.56
CA LYS A 311 9.17 -21.92 -24.59
C LYS A 311 8.52 -20.95 -23.64
N SER A 312 9.31 -19.97 -23.18
CA SER A 312 8.83 -18.98 -22.27
C SER A 312 7.72 -18.13 -22.85
N GLN A 313 7.77 -17.77 -24.14
CA GLN A 313 6.69 -16.97 -24.73
C GLN A 313 5.42 -17.81 -24.90
N VAL A 314 5.60 -19.08 -25.27
CA VAL A 314 4.46 -19.98 -25.40
C VAL A 314 3.71 -20.08 -24.07
N GLY A 315 4.43 -20.25 -22.97
CA GLY A 315 3.86 -20.35 -21.63
C GLY A 315 3.19 -19.03 -21.26
N PHE A 316 3.89 -17.93 -21.54
CA PHE A 316 3.36 -16.60 -21.27
C PHE A 316 2.01 -16.47 -22.00
N ILE A 317 1.97 -16.82 -23.29
CA ILE A 317 0.70 -16.74 -24.01
C ILE A 317 -0.37 -17.69 -23.48
N ASP A 318 -0.04 -18.94 -23.26
CA ASP A 318 -1.04 -19.93 -22.83
C ASP A 318 -1.63 -19.70 -21.44
N TYR A 319 -0.80 -19.34 -20.48
CA TYR A 319 -1.24 -19.19 -19.10
C TYR A 319 -1.63 -17.79 -18.65
N ILE A 320 -1.17 -16.77 -19.38
CA ILE A 320 -1.46 -15.41 -18.98
C ILE A 320 -2.10 -14.54 -20.04
N VAL A 321 -1.44 -14.36 -21.17
CA VAL A 321 -1.95 -13.42 -22.17
C VAL A 321 -3.24 -13.87 -22.82
N HIS A 322 -3.30 -15.11 -23.28
CA HIS A 322 -4.50 -15.59 -23.98
C HIS A 322 -5.73 -15.64 -23.09
N PRO A 323 -5.63 -16.20 -21.89
CA PRO A 323 -6.76 -16.24 -20.96
C PRO A 323 -7.30 -14.84 -20.68
N LEU A 324 -6.41 -13.86 -20.56
CA LEU A 324 -6.84 -12.49 -20.32
C LEU A 324 -7.54 -11.90 -21.54
N TRP A 325 -6.95 -12.08 -22.72
CA TRP A 325 -7.49 -11.48 -23.96
C TRP A 325 -8.77 -12.18 -24.42
N GLU A 326 -8.86 -13.48 -24.16
CA GLU A 326 -10.06 -14.26 -24.45
C GLU A 326 -11.19 -13.63 -23.67
N THR A 327 -10.91 -13.28 -22.41
CA THR A 327 -11.93 -12.69 -21.55
C THR A 327 -12.26 -11.25 -21.99
N TRP A 328 -11.24 -10.48 -22.40
CA TRP A 328 -11.46 -9.12 -22.89
C TRP A 328 -12.34 -9.20 -24.15
N ALA A 329 -11.97 -10.06 -25.09
CA ALA A 329 -12.76 -10.30 -26.31
C ALA A 329 -14.23 -10.58 -26.03
N ASP A 330 -14.50 -11.41 -25.03
CA ASP A 330 -15.88 -11.76 -24.68
C ASP A 330 -16.63 -10.49 -24.25
N LEU A 331 -15.97 -9.67 -23.45
CA LEU A 331 -16.56 -8.42 -22.96
C LEU A 331 -16.90 -7.43 -24.08
N VAL A 332 -16.05 -7.34 -25.09
CA VAL A 332 -16.26 -6.38 -26.17
C VAL A 332 -16.55 -7.05 -27.52
N GLN A 333 -17.03 -8.28 -27.52
CA GLN A 333 -17.21 -9.01 -28.80
C GLN A 333 -18.12 -8.29 -29.78
N PRO A 334 -17.83 -8.40 -31.08
CA PRO A 334 -16.70 -9.14 -31.64
C PRO A 334 -15.49 -8.24 -32.00
N ASP A 335 -15.37 -7.08 -31.35
CA ASP A 335 -14.33 -6.08 -31.65
C ASP A 335 -12.87 -6.57 -31.59
N ALA A 336 -12.59 -7.50 -30.69
CA ALA A 336 -11.23 -7.99 -30.49
C ALA A 336 -10.90 -9.34 -31.15
N GLN A 337 -11.73 -9.84 -32.06
CA GLN A 337 -11.44 -11.12 -32.70
C GLN A 337 -10.14 -11.15 -33.52
N ASP A 338 -9.83 -10.06 -34.24
CA ASP A 338 -8.59 -9.98 -35.01
C ASP A 338 -7.36 -10.05 -34.10
N ILE A 339 -7.42 -9.39 -32.94
CA ILE A 339 -6.36 -9.44 -31.93
C ILE A 339 -6.14 -10.88 -31.47
N LEU A 340 -7.23 -11.58 -31.20
CA LEU A 340 -7.16 -12.97 -30.78
C LEU A 340 -6.58 -13.88 -31.88
N ASP A 341 -6.88 -13.58 -33.15
CA ASP A 341 -6.35 -14.38 -34.26
C ASP A 341 -4.84 -14.14 -34.36
N THR A 342 -4.41 -12.90 -34.25
CA THR A 342 -2.98 -12.59 -34.31
C THR A 342 -2.24 -13.31 -33.18
N LEU A 343 -2.83 -13.28 -32.00
CA LEU A 343 -2.27 -13.94 -30.81
C LEU A 343 -2.01 -15.42 -31.01
N GLU A 344 -2.98 -16.11 -31.60
CA GLU A 344 -2.88 -17.54 -31.87
C GLU A 344 -1.78 -17.79 -32.91
N ASP A 345 -1.73 -16.97 -33.95
CA ASP A 345 -0.70 -17.11 -34.97
C ASP A 345 0.70 -16.91 -34.37
N ASN A 346 0.87 -15.86 -33.54
CA ASN A 346 2.17 -15.59 -32.93
C ASN A 346 2.59 -16.73 -32.01
N ARG A 347 1.62 -17.26 -31.27
CA ARG A 347 1.86 -18.38 -30.37
C ARG A 347 2.42 -19.56 -31.13
N ASN A 348 1.78 -19.89 -32.25
CA ASN A 348 2.19 -21.03 -33.06
C ASN A 348 3.54 -20.82 -33.73
N TRP A 349 3.91 -19.57 -34.03
CA TRP A 349 5.22 -19.29 -34.58
C TRP A 349 6.32 -19.58 -33.55
N TYR A 350 6.14 -19.08 -32.32
CA TYR A 350 7.12 -19.35 -31.24
C TYR A 350 7.20 -20.85 -30.96
N GLN A 351 6.05 -21.52 -30.98
CA GLN A 351 6.00 -22.98 -30.78
C GLN A 351 6.80 -23.70 -31.86
N SER A 352 6.68 -23.23 -33.10
CA SER A 352 7.34 -23.86 -34.25
C SER A 352 8.86 -23.64 -34.24
N MET A 353 9.31 -22.67 -33.45
CA MET A 353 10.73 -22.39 -33.28
C MET A 353 11.37 -23.27 -32.21
N ILE A 354 10.56 -23.94 -31.39
CA ILE A 354 11.06 -24.89 -30.37
C ILE A 354 11.28 -26.24 -31.02
N PRO A 355 12.49 -26.79 -30.96
CA PRO A 355 12.70 -28.17 -31.44
C PRO A 355 12.02 -29.17 -30.49
N GLU B 33 14.48 6.48 40.35
CA GLU B 33 15.65 5.71 40.88
C GLU B 33 15.10 4.44 41.56
N ASP B 34 14.79 4.57 42.86
CA ASP B 34 14.05 3.56 43.60
C ASP B 34 12.61 3.70 43.12
N HIS B 35 12.21 4.94 42.84
CA HIS B 35 10.86 5.24 42.36
C HIS B 35 10.56 4.49 41.06
N LEU B 36 11.54 4.43 40.15
CA LEU B 36 11.40 3.73 38.87
C LEU B 36 11.15 2.24 39.08
N ALA B 37 11.96 1.62 39.95
CA ALA B 37 11.84 0.19 40.27
C ALA B 37 10.50 -0.13 40.93
N LYS B 38 10.01 0.74 41.81
CA LYS B 38 8.71 0.53 42.45
C LYS B 38 7.59 0.57 41.37
N GLU B 39 7.74 1.47 40.40
CA GLU B 39 6.77 1.54 39.32
C GLU B 39 6.83 0.30 38.42
N LEU B 40 8.03 -0.21 38.17
CA LEU B 40 8.22 -1.39 37.30
C LEU B 40 7.79 -2.72 37.90
N GLU B 41 7.41 -2.72 39.18
CA GLU B 41 6.84 -3.90 39.82
C GLU B 41 5.52 -4.25 39.16
N ASP B 42 4.86 -3.24 38.57
CA ASP B 42 3.62 -3.41 37.83
C ASP B 42 3.83 -3.62 36.29
N LEU B 43 5.05 -3.93 35.85
CA LEU B 43 5.38 -4.20 34.44
C LEU B 43 4.36 -5.13 33.76
N ASN B 44 4.00 -6.22 34.44
CA ASN B 44 3.05 -7.22 33.91
C ASN B 44 1.56 -6.93 34.18
N LYS B 45 1.26 -5.72 34.63
CA LYS B 45 -0.09 -5.36 35.01
C LYS B 45 -0.67 -4.23 34.19
N TRP B 46 -1.99 -4.30 34.03
CA TRP B 46 -2.74 -3.29 33.34
C TRP B 46 -2.64 -1.89 34.01
N GLY B 47 -2.52 -1.90 35.35
CA GLY B 47 -2.41 -0.69 36.15
C GLY B 47 -1.04 0.00 36.21
N LEU B 48 -0.05 -0.46 35.44
CA LEU B 48 1.22 0.25 35.36
C LEU B 48 0.96 1.72 34.97
N ASN B 49 1.73 2.64 35.54
CA ASN B 49 1.62 4.05 35.24
C ASN B 49 2.83 4.47 34.39
N ILE B 50 2.63 4.49 33.07
CA ILE B 50 3.71 4.82 32.15
C ILE B 50 4.13 6.30 32.28
N PHE B 51 3.19 7.15 32.71
CA PHE B 51 3.51 8.54 32.96
C PHE B 51 4.58 8.63 34.04
N ASN B 52 4.41 7.87 35.12
CA ASN B 52 5.40 7.80 36.20
C ASN B 52 6.72 7.20 35.74
N VAL B 53 6.71 6.23 34.82
CA VAL B 53 8.00 5.70 34.38
C VAL B 53 8.73 6.71 33.47
N ALA B 54 7.99 7.53 32.73
CA ALA B 54 8.59 8.57 31.90
C ALA B 54 9.32 9.54 32.81
N GLY B 55 8.68 9.95 33.90
CA GLY B 55 9.26 10.87 34.85
C GLY B 55 10.53 10.37 35.54
N TYR B 56 10.64 9.07 35.78
CA TYR B 56 11.80 8.50 36.46
C TYR B 56 12.86 7.88 35.52
N SER B 57 12.66 7.96 34.21
CA SER B 57 13.62 7.41 33.26
C SER B 57 14.28 8.52 32.45
N HIS B 58 14.14 9.76 32.91
CA HIS B 58 14.72 10.93 32.24
C HIS B 58 14.22 10.98 30.79
N ASN B 59 12.91 10.99 30.69
CA ASN B 59 12.18 11.05 29.44
C ASN B 59 12.60 10.03 28.39
N ARG B 60 12.72 8.79 28.82
CA ARG B 60 12.97 7.68 27.91
C ARG B 60 12.05 6.50 28.27
N PRO B 61 10.73 6.75 28.29
CA PRO B 61 9.78 5.71 28.65
C PRO B 61 9.79 4.57 27.63
N LEU B 62 9.95 4.87 26.35
CA LEU B 62 9.94 3.82 25.35
C LEU B 62 11.17 2.93 25.45
N THR B 63 12.34 3.53 25.62
CA THR B 63 13.56 2.76 25.74
C THR B 63 13.57 1.96 27.05
N ILE B 65 10.84 1.06 28.97
CA ILE B 65 9.83 -0.02 28.98
C ILE B 65 10.20 -1.18 28.07
N MET B 66 10.75 -0.89 26.89
CA MET B 66 11.15 -1.94 25.98
C MET B 66 12.25 -2.80 26.58
N TYR B 67 13.22 -2.17 27.23
CA TYR B 67 14.30 -2.93 27.87
C TYR B 67 13.68 -3.78 28.97
N ALA B 68 12.84 -3.19 29.83
CA ALA B 68 12.20 -3.99 30.87
C ALA B 68 11.38 -5.13 30.30
N ILE B 69 10.61 -4.91 29.24
CA ILE B 69 9.78 -5.99 28.68
C ILE B 69 10.65 -7.11 28.10
N PHE B 70 11.70 -6.72 27.36
CA PHE B 70 12.58 -7.71 26.74
C PHE B 70 13.33 -8.57 27.74
N GLN B 71 13.73 -7.98 28.86
CA GLN B 71 14.39 -8.73 29.91
C GLN B 71 13.42 -9.67 30.62
N GLU B 72 12.20 -9.19 30.92
CA GLU B 72 11.17 -10.02 31.61
C GLU B 72 10.85 -11.29 30.83
N ARG B 73 10.67 -11.14 29.52
CA ARG B 73 10.36 -12.24 28.60
C ARG B 73 11.60 -13.03 28.12
N ASP B 74 12.80 -12.58 28.49
CA ASP B 74 14.06 -13.24 28.08
C ASP B 74 14.36 -13.17 26.58
N LEU B 75 13.79 -12.19 25.89
CA LEU B 75 13.91 -12.06 24.44
C LEU B 75 15.31 -11.71 23.95
N LEU B 76 16.09 -11.01 24.78
CA LEU B 76 17.48 -10.68 24.43
C LEU B 76 18.32 -11.96 24.35
N LYS B 77 18.07 -12.91 25.24
CA LYS B 77 18.82 -14.17 25.22
C LYS B 77 18.32 -15.11 24.10
N THR B 78 17.01 -15.28 24.03
CA THR B 78 16.38 -16.13 23.01
C THR B 78 16.80 -15.73 21.60
N PHE B 79 16.88 -14.44 21.29
CA PHE B 79 17.24 -14.04 19.93
C PHE B 79 18.66 -13.43 19.74
N ARG B 80 19.51 -13.58 20.77
CA ARG B 80 20.91 -13.14 20.73
C ARG B 80 21.01 -11.68 20.34
N ILE B 81 20.29 -10.85 21.07
CA ILE B 81 20.31 -9.42 20.82
C ILE B 81 21.22 -8.82 21.86
N SER B 82 22.34 -8.24 21.41
CA SER B 82 23.25 -7.56 22.33
C SER B 82 22.53 -6.41 22.99
N SER B 83 22.83 -6.20 24.26
CA SER B 83 22.22 -5.14 25.01
C SER B 83 22.55 -3.79 24.42
N ASP B 84 23.79 -3.57 23.96
CA ASP B 84 24.14 -2.28 23.37
C ASP B 84 23.41 -2.02 22.05
N THR B 85 23.23 -3.08 21.25
CA THR B 85 22.52 -2.97 19.99
C THR B 85 21.06 -2.60 20.22
N PHE B 86 20.44 -3.25 21.20
CA PHE B 86 19.04 -3.06 21.51
C PHE B 86 18.73 -1.64 22.00
N ILE B 87 19.55 -1.19 22.95
CA ILE B 87 19.40 0.12 23.56
C ILE B 87 19.68 1.18 22.51
N THR B 88 20.70 0.96 21.68
CA THR B 88 21.04 1.93 20.64
C THR B 88 19.88 2.08 19.66
N TYR B 89 19.32 0.95 19.23
CA TYR B 89 18.21 0.99 18.31
C TYR B 89 17.00 1.71 18.94
N MET B 90 16.71 1.35 20.19
CA MET B 90 15.55 1.88 20.91
C MET B 90 15.67 3.36 21.20
N MET B 91 16.86 3.81 21.57
CA MET B 91 17.10 5.23 21.80
C MET B 91 16.86 6.01 20.51
N THR B 92 17.32 5.45 19.39
CA THR B 92 17.16 6.06 18.05
C THR B 92 15.70 6.10 17.60
N LEU B 93 14.98 5.00 17.83
CA LEU B 93 13.56 4.90 17.50
C LEU B 93 12.81 5.93 18.32
N GLU B 94 13.08 5.96 19.64
CA GLU B 94 12.47 6.94 20.55
C GLU B 94 12.70 8.40 20.11
N ASP B 95 13.91 8.69 19.64
CA ASP B 95 14.28 10.02 19.14
C ASP B 95 13.47 10.39 17.91
N HIS B 96 13.00 9.40 17.16
CA HIS B 96 12.18 9.61 15.95
C HIS B 96 10.70 9.86 16.25
N TYR B 97 10.29 9.70 17.52
CA TYR B 97 8.98 10.15 17.96
C TYR B 97 9.15 11.63 18.30
N HIS B 98 8.23 12.47 17.86
CA HIS B 98 8.32 13.90 18.10
C HIS B 98 7.78 14.30 19.48
N SER B 99 8.61 14.96 20.27
CA SER B 99 8.20 15.40 21.61
C SER B 99 7.25 16.60 21.55
N ASP B 100 7.25 17.34 20.44
CA ASP B 100 6.30 18.45 20.31
C ASP B 100 4.88 18.04 19.82
N VAL B 101 4.63 16.75 19.67
CA VAL B 101 3.33 16.20 19.28
C VAL B 101 2.73 15.72 20.59
N ALA B 102 1.54 16.22 20.91
CA ALA B 102 0.97 15.99 22.23
C ALA B 102 0.63 14.54 22.60
N TYR B 103 0.05 13.80 21.67
CA TYR B 103 -0.35 12.44 21.95
C TYR B 103 0.57 11.38 21.32
N HIS B 104 0.82 11.48 20.02
CA HIS B 104 1.60 10.47 19.27
C HIS B 104 3.09 10.69 19.42
N ASN B 105 3.55 10.64 20.66
CA ASN B 105 4.97 10.79 21.00
C ASN B 105 5.42 9.45 21.58
N SER B 106 6.64 9.35 22.09
CA SER B 106 7.14 8.07 22.58
C SER B 106 6.40 7.54 23.82
N LEU B 107 5.70 8.39 24.56
CA LEU B 107 4.96 7.87 25.72
C LEU B 107 3.79 6.96 25.27
N HIS B 108 3.17 7.32 24.16
CA HIS B 108 2.07 6.53 23.62
C HIS B 108 2.58 5.21 23.08
N ALA B 109 3.70 5.23 22.37
CA ALA B 109 4.35 4.00 21.91
C ALA B 109 4.70 3.14 23.09
N ALA B 110 5.27 3.71 24.16
CA ALA B 110 5.66 2.90 25.31
C ALA B 110 4.43 2.20 25.95
N ASP B 111 3.29 2.89 25.95
CA ASP B 111 2.04 2.44 26.53
C ASP B 111 1.43 1.29 25.76
N VAL B 112 1.52 1.36 24.43
CA VAL B 112 1.00 0.35 23.54
C VAL B 112 1.92 -0.87 23.61
N ALA B 113 3.22 -0.65 23.74
CA ALA B 113 4.15 -1.79 23.84
C ALA B 113 3.90 -2.52 25.17
N GLN B 114 3.76 -1.77 26.27
CA GLN B 114 3.52 -2.38 27.59
C GLN B 114 2.14 -3.04 27.66
N SER B 115 1.13 -2.38 27.12
CA SER B 115 -0.22 -2.94 27.07
C SER B 115 -0.27 -4.23 26.24
N THR B 116 0.49 -4.24 25.15
CA THR B 116 0.60 -5.40 24.29
C THR B 116 1.29 -6.51 25.08
N HIS B 117 2.32 -6.16 25.84
CA HIS B 117 3.03 -7.12 26.71
C HIS B 117 2.05 -7.77 27.70
N VAL B 118 1.12 -6.99 28.24
CA VAL B 118 0.17 -7.54 29.19
C VAL B 118 -0.84 -8.45 28.45
N LEU B 119 -1.38 -7.97 27.33
CA LEU B 119 -2.36 -8.78 26.56
C LEU B 119 -1.80 -10.14 26.10
N LEU B 120 -0.51 -10.21 25.82
CA LEU B 120 0.13 -11.47 25.38
C LEU B 120 0.19 -12.58 26.48
N SER B 121 0.05 -12.16 27.73
CA SER B 121 0.04 -13.07 28.87
C SER B 121 -1.37 -13.42 29.36
N THR B 122 -2.39 -13.02 28.61
CA THR B 122 -3.76 -13.34 28.97
C THR B 122 -3.88 -14.87 29.04
N PRO B 123 -4.46 -15.41 30.11
CA PRO B 123 -4.59 -16.88 30.28
C PRO B 123 -5.15 -17.66 29.09
N ALA B 124 -6.16 -17.11 28.41
CA ALA B 124 -6.74 -17.76 27.25
C ALA B 124 -5.77 -17.96 26.06
N LEU B 125 -4.66 -17.21 26.02
CA LEU B 125 -3.68 -17.32 24.92
C LEU B 125 -2.36 -17.93 25.38
N ASP B 126 -2.34 -18.49 26.58
CA ASP B 126 -1.12 -19.09 27.15
C ASP B 126 -0.51 -20.13 26.23
N ALA B 127 0.77 -19.92 25.87
CA ALA B 127 1.55 -20.87 25.05
C ALA B 127 1.06 -21.06 23.60
N VAL B 128 0.17 -20.18 23.14
CA VAL B 128 -0.35 -20.25 21.79
C VAL B 128 0.64 -19.69 20.77
N PHE B 129 1.34 -18.63 21.14
CA PHE B 129 2.26 -17.96 20.25
C PHE B 129 3.71 -18.39 20.41
N THR B 130 4.43 -18.39 19.29
CA THR B 130 5.87 -18.66 19.29
C THR B 130 6.60 -17.42 19.85
N ASP B 131 7.86 -17.61 20.18
CA ASP B 131 8.69 -16.50 20.69
C ASP B 131 8.83 -15.41 19.63
N LEU B 132 8.90 -15.84 18.37
CA LEU B 132 9.04 -14.92 17.25
C LEU B 132 7.80 -14.04 17.11
N GLU B 133 6.63 -14.61 17.35
CA GLU B 133 5.38 -13.88 17.26
C GLU B 133 5.28 -12.87 18.39
N ILE B 134 5.80 -13.24 19.55
CA ILE B 134 5.77 -12.37 20.71
C ILE B 134 6.69 -11.18 20.46
N LEU B 135 7.86 -11.47 19.93
CA LEU B 135 8.84 -10.49 19.52
C LEU B 135 8.25 -9.52 18.50
N ALA B 136 7.58 -10.08 17.48
CA ALA B 136 7.00 -9.26 16.41
C ALA B 136 5.94 -8.32 16.91
N ALA B 137 5.13 -8.79 17.84
CA ALA B 137 4.01 -8.02 18.36
C ALA B 137 4.49 -6.86 19.24
N ILE B 138 5.49 -7.11 20.08
CA ILE B 138 6.03 -6.05 20.93
C ILE B 138 6.85 -5.03 20.09
N PHE B 139 7.61 -5.52 19.11
CA PHE B 139 8.35 -4.65 18.20
C PHE B 139 7.39 -3.75 17.41
N ALA B 140 6.32 -4.37 16.89
CA ALA B 140 5.30 -3.67 16.15
C ALA B 140 4.72 -2.54 17.01
N ALA B 141 4.28 -2.86 18.24
CA ALA B 141 3.71 -1.82 19.13
C ALA B 141 4.69 -0.67 19.30
N ALA B 142 5.97 -0.99 19.49
CA ALA B 142 6.99 0.01 19.72
C ALA B 142 7.18 1.02 18.56
N ILE B 143 7.05 0.52 17.33
CA ILE B 143 7.32 1.32 16.15
C ILE B 143 6.08 1.84 15.48
N HIS B 144 4.90 1.45 15.96
CA HIS B 144 3.67 1.67 15.20
C HIS B 144 3.27 3.11 14.90
N ASP B 145 3.81 4.10 15.64
CA ASP B 145 3.50 5.53 15.39
C ASP B 145 4.75 6.41 15.22
N VAL B 146 5.88 5.78 14.91
CA VAL B 146 7.14 6.50 14.87
C VAL B 146 7.14 7.57 13.76
N ASP B 147 7.66 8.71 14.12
CA ASP B 147 7.72 9.85 13.25
C ASP B 147 6.31 10.37 12.88
N HIS B 148 5.35 10.20 13.79
CA HIS B 148 4.00 10.73 13.58
C HIS B 148 4.11 12.26 13.56
N PRO B 149 3.57 12.92 12.55
CA PRO B 149 3.58 14.40 12.52
C PRO B 149 2.49 15.07 13.35
N GLY B 150 1.55 14.33 13.93
CA GLY B 150 0.52 14.97 14.73
C GLY B 150 -0.69 15.44 13.97
N VAL B 151 -0.79 14.99 12.72
CA VAL B 151 -1.95 15.26 11.89
C VAL B 151 -2.40 13.92 11.32
N SER B 152 -3.67 13.86 10.94
CA SER B 152 -4.29 12.62 10.46
C SER B 152 -3.98 12.30 9.00
N ASN B 153 -4.30 11.07 8.61
CA ASN B 153 -4.15 10.66 7.21
C ASN B 153 -4.93 11.58 6.27
N GLN B 154 -6.19 11.87 6.61
CA GLN B 154 -7.02 12.70 5.75
C GLN B 154 -6.44 14.09 5.58
N PHE B 155 -5.86 14.65 6.64
CA PHE B 155 -5.21 15.97 6.59
C PHE B 155 -4.05 15.97 5.60
N LEU B 156 -3.22 14.93 5.70
CA LEU B 156 -2.08 14.76 4.79
C LEU B 156 -2.52 14.57 3.35
N ILE B 157 -3.63 13.89 3.14
CA ILE B 157 -4.17 13.67 1.81
C ILE B 157 -4.75 14.97 1.26
N ASN B 158 -5.58 15.64 2.05
CA ASN B 158 -6.24 16.87 1.61
C ASN B 158 -5.26 18.01 1.30
N THR B 159 -4.11 18.05 1.99
CA THR B 159 -3.08 19.09 1.79
C THR B 159 -2.01 18.71 0.76
N ASN B 160 -2.13 17.55 0.13
CA ASN B 160 -1.16 17.09 -0.89
C ASN B 160 0.26 16.97 -0.33
N SER B 161 0.35 16.55 0.92
CA SER B 161 1.63 16.39 1.59
C SER B 161 2.51 15.38 0.89
N GLU B 162 3.80 15.49 1.16
CA GLU B 162 4.80 14.59 0.60
C GLU B 162 4.49 13.15 0.91
N LEU B 163 4.12 12.88 2.16
CA LEU B 163 3.84 11.51 2.58
C LEU B 163 2.67 10.88 1.81
N ALA B 164 1.63 11.67 1.53
CA ALA B 164 0.47 11.19 0.80
C ALA B 164 0.81 10.91 -0.66
N LEU B 165 1.63 11.77 -1.26
CA LEU B 165 2.07 11.58 -2.65
C LEU B 165 2.95 10.34 -2.72
N MET B 166 3.81 10.17 -1.73
CA MET B 166 4.65 8.97 -1.63
C MET B 166 3.85 7.70 -1.46
N TYR B 167 2.81 7.70 -0.60
CA TYR B 167 2.04 6.47 -0.34
C TYR B 167 0.72 6.33 -1.07
N ASN B 168 0.49 7.19 -2.03
CA ASN B 168 -0.73 7.15 -2.82
C ASN B 168 -2.03 7.13 -2.00
N ASP B 169 -2.08 8.00 -0.99
CA ASP B 169 -3.23 8.17 -0.11
C ASP B 169 -3.70 6.95 0.68
N GLU B 170 -2.98 5.82 0.64
CA GLU B 170 -3.41 4.59 1.33
C GLU B 170 -2.57 4.31 2.58
N SER B 171 -3.22 4.19 3.72
CA SER B 171 -2.54 3.95 4.99
C SER B 171 -1.23 4.74 5.04
N VAL B 172 -1.35 6.03 4.76
CA VAL B 172 -0.20 6.93 4.62
C VAL B 172 0.74 6.94 5.83
N LEU B 173 0.22 7.28 7.01
CA LEU B 173 1.04 7.33 8.22
C LEU B 173 1.60 5.96 8.58
N GLU B 174 0.77 4.93 8.45
CA GLU B 174 1.14 3.59 8.91
C GLU B 174 2.25 2.96 8.08
N ASN B 175 2.20 3.18 6.76
CA ASN B 175 3.25 2.73 5.87
C ASN B 175 4.51 3.50 6.24
N HIS B 176 4.37 4.79 6.55
CA HIS B 176 5.53 5.57 6.97
C HIS B 176 6.14 5.07 8.29
N HIS B 177 5.32 4.75 9.32
CA HIS B 177 5.88 4.26 10.59
C HIS B 177 6.70 3.00 10.35
N LEU B 178 6.20 2.12 9.50
CA LEU B 178 6.88 0.86 9.22
C LEU B 178 8.19 1.11 8.52
N ALA B 179 8.18 2.02 7.54
CA ALA B 179 9.39 2.33 6.78
C ALA B 179 10.49 2.89 7.67
N VAL B 180 10.13 3.80 8.58
CA VAL B 180 11.12 4.41 9.48
C VAL B 180 11.68 3.35 10.44
N GLY B 181 10.80 2.55 11.05
CA GLY B 181 11.21 1.52 11.97
C GLY B 181 12.12 0.46 11.36
N PHE B 182 11.85 0.07 10.12
CA PHE B 182 12.69 -0.94 9.46
C PHE B 182 13.98 -0.31 8.91
N LYS B 183 13.91 0.95 8.50
CA LYS B 183 15.11 1.63 7.99
C LYS B 183 16.18 1.75 9.09
N LEU B 184 15.74 1.97 10.33
CA LEU B 184 16.65 2.13 11.46
C LEU B 184 17.41 0.83 11.84
N LEU B 185 16.97 -0.30 11.32
CA LEU B 185 17.67 -1.58 11.50
C LEU B 185 18.83 -1.84 10.53
N GLN B 186 18.99 -0.98 9.52
CA GLN B 186 20.01 -1.20 8.47
C GLN B 186 21.48 -1.11 8.87
N GLU B 187 21.80 -0.26 9.84
CA GLU B 187 23.18 -0.10 10.30
C GLU B 187 23.46 -1.24 11.26
N GLU B 188 24.52 -2.01 11.02
CA GLU B 188 24.85 -3.17 11.86
C GLU B 188 24.80 -2.91 13.38
N HIS B 189 25.29 -1.76 13.82
CA HIS B 189 25.27 -1.43 15.27
C HIS B 189 23.84 -1.19 15.85
N ASP B 191 21.16 -3.28 14.30
CA ASP B 191 20.35 -4.41 13.83
C ASP B 191 20.01 -5.47 14.89
N ILE B 192 18.91 -5.25 15.61
CA ILE B 192 18.50 -6.16 16.67
C ILE B 192 18.07 -7.55 16.17
N PHE B 193 17.84 -7.68 14.86
CA PHE B 193 17.39 -8.93 14.27
C PHE B 193 18.52 -9.65 13.51
N MET B 194 19.75 -9.21 13.71
CA MET B 194 20.93 -9.74 13.04
C MET B 194 21.14 -11.25 13.19
N ASN B 195 20.80 -11.79 14.36
CA ASN B 195 21.01 -13.23 14.63
C ASN B 195 19.77 -14.10 14.52
N LEU B 196 18.68 -13.54 14.03
CA LEU B 196 17.54 -14.35 13.70
C LEU B 196 17.99 -15.06 12.41
N THR B 197 17.25 -16.08 12.07
CA THR B 197 17.48 -16.78 10.83
C THR B 197 16.89 -15.93 9.68
N LYS B 198 17.39 -16.13 8.46
CA LYS B 198 16.86 -15.44 7.28
C LYS B 198 15.34 -15.63 7.22
N LYS B 199 14.91 -16.87 7.40
CA LYS B 199 13.48 -17.18 7.43
C LYS B 199 12.73 -16.49 8.55
N GLN B 200 13.32 -16.44 9.73
CA GLN B 200 12.72 -15.79 10.89
C GLN B 200 12.48 -14.28 10.63
N ARG B 201 13.47 -13.62 10.04
CA ARG B 201 13.39 -12.17 9.72
C ARG B 201 12.28 -11.90 8.71
N GLN B 202 12.14 -12.81 7.74
CA GLN B 202 11.09 -12.70 6.72
C GLN B 202 9.71 -12.83 7.34
N THR B 203 9.53 -13.83 8.19
CA THR B 203 8.26 -14.05 8.89
C THR B 203 7.92 -12.88 9.84
N LEU B 204 8.92 -12.41 10.60
CA LEU B 204 8.71 -11.30 11.53
C LEU B 204 8.30 -10.06 10.77
N ARG B 205 8.99 -9.80 9.66
CA ARG B 205 8.74 -8.61 8.84
C ARG B 205 7.31 -8.65 8.33
N LYS B 206 6.89 -9.78 7.80
CA LYS B 206 5.50 -9.93 7.33
C LYS B 206 4.51 -9.64 8.47
N MET B 207 4.75 -10.18 9.65
CA MET B 207 3.83 -10.00 10.79
C MET B 207 3.79 -8.55 11.26
N VAL B 208 4.96 -7.91 11.33
CA VAL B 208 5.04 -6.55 11.81
C VAL B 208 4.31 -5.60 10.86
N ILE B 209 4.47 -5.81 9.54
CA ILE B 209 3.78 -5.02 8.53
C ILE B 209 2.27 -5.17 8.67
N ASP B 210 1.84 -6.41 8.82
CA ASP B 210 0.43 -6.76 9.01
C ASP B 210 -0.12 -6.01 10.24
N MET B 211 0.54 -6.17 11.38
CA MET B 211 0.09 -5.55 12.62
C MET B 211 0.02 -4.02 12.57
N VAL B 212 1.06 -3.37 12.05
CA VAL B 212 1.11 -1.92 12.00
C VAL B 212 0.08 -1.34 11.01
N LEU B 213 -0.08 -2.00 9.87
CA LEU B 213 -1.09 -1.58 8.90
C LEU B 213 -2.48 -1.70 9.51
N ALA B 214 -2.65 -2.69 10.39
CA ALA B 214 -3.91 -2.89 11.11
C ALA B 214 -4.23 -1.80 12.14
N THR B 215 -3.27 -0.93 12.47
CA THR B 215 -3.58 0.17 13.40
C THR B 215 -4.27 1.36 12.73
N ASP B 216 -4.40 1.33 11.41
CA ASP B 216 -5.09 2.38 10.62
C ASP B 216 -6.57 2.34 10.94
N MET B 217 -7.10 3.39 11.57
CA MET B 217 -8.50 3.38 12.01
C MET B 217 -9.54 3.15 10.92
N SER B 218 -9.23 3.52 9.66
CA SER B 218 -10.16 3.29 8.54
C SER B 218 -10.41 1.78 8.30
N LYS B 219 -9.54 0.94 8.85
CA LYS B 219 -9.68 -0.51 8.77
C LYS B 219 -10.36 -1.14 10.01
N HIS B 220 -10.74 -0.31 10.98
CA HIS B 220 -11.31 -0.75 12.25
C HIS B 220 -12.52 -1.65 12.06
N MET B 221 -13.51 -1.21 11.30
CA MET B 221 -14.74 -1.96 11.11
C MET B 221 -14.52 -3.36 10.51
N SER B 222 -13.62 -3.46 9.54
CA SER B 222 -13.32 -4.75 8.91
C SER B 222 -12.58 -5.71 9.85
N LEU B 223 -11.74 -5.15 10.73
CA LEU B 223 -11.01 -5.95 11.70
C LEU B 223 -11.99 -6.50 12.75
N LEU B 224 -12.94 -5.65 13.15
CA LEU B 224 -13.91 -5.97 14.18
C LEU B 224 -14.84 -7.06 13.66
N ALA B 225 -15.26 -6.92 12.41
CA ALA B 225 -16.16 -7.91 11.79
C ALA B 225 -15.46 -9.25 11.73
N ASP B 226 -14.20 -9.24 11.31
CA ASP B 226 -13.42 -10.48 11.19
C ASP B 226 -13.12 -11.10 12.56
N LEU B 227 -13.00 -10.27 13.57
CA LEU B 227 -12.74 -10.75 14.93
C LEU B 227 -14.01 -11.40 15.50
N LYS B 228 -15.16 -10.80 15.25
CA LYS B 228 -16.45 -11.33 15.72
C LYS B 228 -16.66 -12.75 15.16
N THR B 229 -16.22 -12.97 13.92
CA THR B 229 -16.32 -14.28 13.26
C THR B 229 -15.42 -15.28 13.97
N MET B 230 -14.25 -14.82 14.36
CA MET B 230 -13.29 -15.63 15.11
C MET B 230 -13.86 -16.05 16.48
N VAL B 231 -14.61 -15.14 17.09
CA VAL B 231 -15.28 -15.40 18.37
C VAL B 231 -16.39 -16.48 18.16
N GLU B 232 -17.16 -16.30 17.09
CA GLU B 232 -18.25 -17.21 16.73
C GLU B 232 -17.80 -18.67 16.61
N THR B 233 -16.64 -18.91 15.98
CA THR B 233 -16.12 -20.27 15.74
C THR B 233 -14.95 -20.63 16.66
N LYS B 234 -14.88 -19.91 17.77
CA LYS B 234 -13.86 -20.07 18.78
C LYS B 234 -13.85 -21.52 19.27
N LYS B 235 -12.65 -22.08 19.41
CA LYS B 235 -12.46 -23.44 19.93
C LYS B 235 -11.47 -23.31 21.06
N VAL B 236 -11.86 -23.71 22.27
CA VAL B 236 -10.93 -23.70 23.41
C VAL B 236 -10.75 -25.14 23.89
N THR B 237 -9.50 -25.55 24.07
CA THR B 237 -9.17 -26.94 24.48
C THR B 237 -9.49 -27.23 25.95
N SER B 238 -9.27 -28.48 26.36
CA SER B 238 -9.52 -28.91 27.74
C SER B 238 -8.71 -28.11 28.78
N SER B 239 -7.54 -27.61 28.39
CA SER B 239 -6.71 -26.81 29.29
C SER B 239 -7.23 -25.38 29.54
N GLY B 240 -8.25 -24.96 28.77
CA GLY B 240 -8.84 -23.64 28.89
C GLY B 240 -8.18 -22.58 28.01
N VAL B 241 -7.39 -23.02 27.03
CA VAL B 241 -6.67 -22.13 26.12
C VAL B 241 -7.24 -22.19 24.70
N LEU B 242 -7.10 -21.11 23.95
CA LEU B 242 -7.61 -21.04 22.59
C LEU B 242 -6.79 -21.92 21.64
N LEU B 243 -7.50 -22.63 20.76
CA LEU B 243 -6.86 -23.43 19.73
C LEU B 243 -6.85 -22.57 18.46
N LEU B 244 -5.64 -22.33 17.94
CA LEU B 244 -5.46 -21.57 16.71
C LEU B 244 -4.72 -22.50 15.73
N ASP B 245 -5.42 -22.91 14.67
CA ASP B 245 -4.92 -23.87 13.64
C ASP B 245 -3.53 -23.54 13.10
N ASN B 246 -3.42 -22.45 12.36
CA ASN B 246 -2.10 -22.02 11.87
C ASN B 246 -2.03 -20.50 11.71
N TYR B 247 -1.04 -20.07 10.96
CA TYR B 247 -0.71 -18.69 10.78
C TYR B 247 -1.91 -17.72 10.69
N THR B 248 -2.84 -17.96 9.78
CA THR B 248 -3.96 -17.02 9.57
C THR B 248 -4.72 -16.66 10.85
N ASP B 249 -5.00 -17.68 11.66
CA ASP B 249 -5.74 -17.47 12.89
C ASP B 249 -4.91 -16.70 13.90
N ARG B 250 -3.64 -17.06 14.01
CA ARG B 250 -2.76 -16.41 14.98
C ARG B 250 -2.54 -14.93 14.67
N ILE B 251 -2.23 -14.59 13.41
CA ILE B 251 -1.95 -13.20 13.04
C ILE B 251 -3.19 -12.34 13.19
N GLN B 252 -4.35 -12.96 12.98
CA GLN B 252 -5.61 -12.26 13.16
C GLN B 252 -5.79 -11.82 14.62
N VAL B 253 -5.45 -12.70 15.56
CA VAL B 253 -5.54 -12.38 16.99
C VAL B 253 -4.51 -11.30 17.33
N LEU B 254 -3.27 -11.47 16.84
CA LEU B 254 -2.21 -10.45 17.00
C LEU B 254 -2.52 -9.05 16.41
N ARG B 255 -3.09 -9.01 15.20
CA ARG B 255 -3.51 -7.75 14.60
C ARG B 255 -4.51 -7.07 15.52
N ASN B 256 -5.50 -7.84 15.99
CA ASN B 256 -6.52 -7.29 16.86
C ASN B 256 -6.02 -6.93 18.24
N MET B 257 -5.01 -7.66 18.72
CA MET B 257 -4.43 -7.38 20.03
C MET B 257 -3.72 -6.04 20.03
N VAL B 258 -2.87 -5.81 19.03
CA VAL B 258 -2.17 -4.53 18.92
C VAL B 258 -3.19 -3.40 18.70
N HIS B 259 -4.22 -3.66 17.91
CA HIS B 259 -5.28 -2.66 17.68
C HIS B 259 -5.98 -2.36 19.03
N CYS B 260 -6.28 -3.38 19.83
CA CYS B 260 -6.88 -3.14 21.16
C CYS B 260 -5.94 -2.32 22.09
N ALA B 261 -4.66 -2.66 22.08
CA ALA B 261 -3.66 -1.94 22.86
C ALA B 261 -3.63 -0.48 22.47
N ASP B 262 -3.73 -0.21 21.16
CA ASP B 262 -3.74 1.16 20.67
C ASP B 262 -4.99 1.91 21.13
N LEU B 263 -6.11 1.20 21.26
CA LEU B 263 -7.38 1.80 21.72
C LEU B 263 -7.65 1.39 23.17
N SER B 264 -6.61 1.30 24.00
CA SER B 264 -6.76 0.89 25.39
C SER B 264 -6.87 2.02 26.40
N ASN B 265 -6.68 3.29 26.00
CA ASN B 265 -6.69 4.41 26.95
C ASN B 265 -7.97 4.45 27.84
N PRO B 266 -9.16 4.26 27.26
CA PRO B 266 -10.40 4.30 28.04
C PRO B 266 -10.62 3.09 28.95
N THR B 267 -9.75 2.07 28.85
CA THR B 267 -9.85 0.92 29.70
C THR B 267 -8.87 0.95 30.88
N LYS B 268 -8.04 1.98 30.95
CA LYS B 268 -7.14 2.18 32.04
C LYS B 268 -7.86 2.92 33.16
N SER B 269 -7.21 3.11 34.29
CA SER B 269 -7.82 3.80 35.42
C SER B 269 -8.20 5.20 34.97
N LEU B 270 -9.23 5.74 35.58
CA LEU B 270 -9.72 7.07 35.18
C LEU B 270 -8.60 8.11 35.20
N GLU B 271 -7.73 8.07 36.20
CA GLU B 271 -6.60 9.01 36.29
C GLU B 271 -5.66 8.97 35.05
N LEU B 272 -5.44 7.79 34.47
CA LEU B 272 -4.60 7.69 33.26
C LEU B 272 -5.39 8.14 32.02
N TYR B 273 -6.63 7.66 31.92
CA TYR B 273 -7.48 7.97 30.81
C TYR B 273 -7.65 9.50 30.64
N ARG B 274 -7.96 10.25 31.70
CA ARG B 274 -8.12 11.70 31.53
C ARG B 274 -6.88 12.38 30.96
N GLN B 275 -5.71 11.89 31.33
CA GLN B 275 -4.45 12.44 30.84
C GLN B 275 -4.28 12.15 29.35
N TRP B 276 -4.62 10.93 28.94
CA TRP B 276 -4.60 10.57 27.53
C TRP B 276 -5.60 11.44 26.74
N THR B 277 -6.79 11.61 27.29
CA THR B 277 -7.82 12.43 26.64
C THR B 277 -7.34 13.84 26.42
N ASP B 278 -6.66 14.42 27.41
CA ASP B 278 -6.16 15.80 27.30
C ASP B 278 -5.10 15.93 26.21
N ARG B 279 -4.27 14.89 26.08
CA ARG B 279 -3.26 14.85 25.04
C ARG B 279 -3.85 14.75 23.63
N ILE B 280 -4.71 13.78 23.39
CA ILE B 280 -5.28 13.63 22.05
C ILE B 280 -6.07 14.89 21.67
N MET B 281 -6.80 15.49 22.61
CA MET B 281 -7.58 16.68 22.27
C MET B 281 -6.65 17.83 21.94
N GLU B 282 -5.55 17.94 22.67
CA GLU B 282 -4.60 18.99 22.40
C GLU B 282 -4.10 18.80 20.97
N GLU B 283 -3.72 17.57 20.63
CA GLU B 283 -3.23 17.26 19.30
C GLU B 283 -4.28 17.51 18.25
N PHE B 284 -5.52 17.11 18.51
CA PHE B 284 -6.59 17.31 17.54
C PHE B 284 -6.89 18.81 17.34
N PHE B 285 -6.94 19.57 18.42
CA PHE B 285 -7.28 21.00 18.33
C PHE B 285 -6.22 21.79 17.57
N GLN B 286 -4.96 21.37 17.70
CA GLN B 286 -3.85 21.98 16.94
C GLN B 286 -4.06 21.68 15.44
N GLN B 287 -4.54 20.48 15.13
CA GLN B 287 -4.79 20.15 13.73
C GLN B 287 -5.90 21.06 13.23
N GLY B 288 -6.95 21.21 14.02
CA GLY B 288 -8.05 22.09 13.67
C GLY B 288 -7.56 23.51 13.43
N ASP B 289 -6.59 23.96 14.23
CA ASP B 289 -6.04 25.29 14.07
C ASP B 289 -5.32 25.37 12.73
N LYS B 290 -4.58 24.31 12.37
CA LYS B 290 -3.84 24.27 11.10
C LYS B 290 -4.79 24.31 9.93
N GLU B 291 -5.91 23.58 10.06
CA GLU B 291 -6.94 23.59 9.04
C GLU B 291 -7.50 25.02 8.87
N ARG B 292 -7.66 25.73 9.99
CA ARG B 292 -8.19 27.11 9.97
C ARG B 292 -7.21 28.06 9.28
N GLU B 293 -5.92 27.99 9.62
CA GLU B 293 -4.91 28.84 9.00
C GLU B 293 -4.94 28.68 7.47
N ARG B 294 -5.01 27.43 7.02
CA ARG B 294 -5.00 27.08 5.59
C ARG B 294 -6.32 27.27 4.85
N GLY B 295 -7.39 27.67 5.54
CA GLY B 295 -8.69 27.89 4.92
C GLY B 295 -9.51 26.66 4.55
N MET B 296 -9.09 25.48 5.02
CA MET B 296 -9.85 24.25 4.74
C MET B 296 -10.98 24.11 5.78
N GLU B 297 -11.89 23.15 5.56
CA GLU B 297 -12.98 22.91 6.50
C GLU B 297 -12.42 22.29 7.79
N ILE B 298 -12.91 22.73 8.94
CA ILE B 298 -12.45 22.15 10.19
C ILE B 298 -13.23 20.87 10.44
N SER B 299 -12.52 19.80 10.76
CA SER B 299 -13.16 18.54 11.11
C SER B 299 -13.85 18.79 12.47
N PRO B 300 -15.16 18.53 12.58
CA PRO B 300 -15.96 18.82 13.80
C PRO B 300 -15.30 18.59 15.17
N MET B 301 -14.62 17.45 15.34
CA MET B 301 -14.00 17.11 16.62
C MET B 301 -12.63 17.76 16.85
N CYS B 302 -12.11 18.43 15.83
CA CYS B 302 -10.85 19.16 15.94
C CYS B 302 -11.07 20.68 16.11
N ASP B 303 -12.34 21.10 16.23
CA ASP B 303 -12.69 22.52 16.43
C ASP B 303 -12.67 22.89 17.91
N LYS B 304 -11.57 23.47 18.38
CA LYS B 304 -11.46 23.85 19.78
C LYS B 304 -12.57 24.82 20.24
N HIS B 305 -13.16 25.56 19.32
CA HIS B 305 -14.21 26.54 19.65
C HIS B 305 -15.59 25.93 19.90
N THR B 306 -15.83 24.74 19.36
CA THR B 306 -17.13 24.09 19.43
C THR B 306 -17.21 22.68 20.02
N ALA B 307 -16.18 21.88 19.87
CA ALA B 307 -16.22 20.48 20.31
C ALA B 307 -16.13 20.24 21.82
N SER B 308 -17.00 19.34 22.27
CA SER B 308 -17.07 18.92 23.66
C SER B 308 -16.19 17.69 23.78
N VAL B 309 -15.18 17.83 24.62
CA VAL B 309 -14.22 16.75 24.89
C VAL B 309 -15.00 15.58 25.49
N GLU B 310 -15.94 15.90 26.37
CA GLU B 310 -16.69 14.91 27.12
C GLU B 310 -17.64 14.11 26.23
N LYS B 311 -18.45 14.80 25.41
CA LYS B 311 -19.34 14.13 24.48
C LYS B 311 -18.57 13.25 23.51
N SER B 312 -17.43 13.75 23.04
CA SER B 312 -16.59 13.03 22.11
C SER B 312 -16.01 11.72 22.70
N GLN B 313 -15.67 11.69 23.98
CA GLN B 313 -15.17 10.43 24.58
C GLN B 313 -16.33 9.44 24.76
N VAL B 314 -17.52 9.93 25.13
CA VAL B 314 -18.68 9.05 25.28
C VAL B 314 -18.97 8.39 23.92
N GLY B 315 -19.03 9.18 22.84
CA GLY B 315 -19.24 8.66 21.48
C GLY B 315 -18.09 7.71 21.05
N PHE B 316 -16.86 8.03 21.41
CA PHE B 316 -15.70 7.19 21.13
C PHE B 316 -15.87 5.80 21.79
N ILE B 317 -16.19 5.79 23.08
CA ILE B 317 -16.40 4.52 23.79
C ILE B 317 -17.59 3.77 23.20
N ASP B 318 -18.72 4.45 23.05
CA ASP B 318 -19.95 3.79 22.57
C ASP B 318 -19.84 3.15 21.20
N TYR B 319 -19.30 3.88 20.24
CA TYR B 319 -19.27 3.41 18.85
C TYR B 319 -18.02 2.72 18.39
N ILE B 320 -16.93 2.80 19.16
CA ILE B 320 -15.68 2.18 18.71
C ILE B 320 -14.96 1.35 19.75
N VAL B 321 -14.66 1.94 20.92
CA VAL B 321 -13.86 1.23 21.92
C VAL B 321 -14.61 0.09 22.63
N HIS B 322 -15.83 0.35 23.08
CA HIS B 322 -16.63 -0.70 23.75
C HIS B 322 -16.91 -1.91 22.82
N PRO B 323 -17.39 -1.68 21.59
CA PRO B 323 -17.64 -2.82 20.69
C PRO B 323 -16.39 -3.65 20.45
N LEU B 324 -15.24 -3.00 20.31
CA LEU B 324 -13.99 -3.72 20.10
C LEU B 324 -13.63 -4.54 21.32
N TRP B 325 -13.58 -3.91 22.49
CA TRP B 325 -13.19 -4.63 23.72
C TRP B 325 -14.22 -5.67 24.18
N GLU B 326 -15.50 -5.41 23.95
CA GLU B 326 -16.54 -6.39 24.28
C GLU B 326 -16.29 -7.65 23.45
N THR B 327 -15.86 -7.47 22.20
CA THR B 327 -15.58 -8.60 21.33
C THR B 327 -14.27 -9.31 21.73
N TRP B 328 -13.30 -8.55 22.22
CA TRP B 328 -12.04 -9.11 22.66
C TRP B 328 -12.30 -9.90 23.94
N ALA B 329 -13.09 -9.33 24.84
CA ALA B 329 -13.46 -9.99 26.09
C ALA B 329 -14.12 -11.32 25.83
N ASP B 330 -14.97 -11.37 24.81
CA ASP B 330 -15.68 -12.60 24.45
C ASP B 330 -14.70 -13.67 24.00
N LEU B 331 -13.67 -13.27 23.26
CA LEU B 331 -12.64 -14.21 22.79
C LEU B 331 -11.78 -14.78 23.92
N VAL B 332 -11.44 -13.95 24.90
CA VAL B 332 -10.59 -14.39 25.99
C VAL B 332 -11.32 -14.60 27.31
N GLN B 333 -12.66 -14.60 27.31
CA GLN B 333 -13.37 -14.68 28.60
C GLN B 333 -12.87 -15.83 29.47
N PRO B 334 -12.78 -15.60 30.78
CA PRO B 334 -13.18 -14.35 31.46
C PRO B 334 -12.06 -13.32 31.73
N ASP B 335 -10.91 -13.49 31.07
CA ASP B 335 -9.72 -12.66 31.29
C ASP B 335 -9.89 -11.16 31.26
N ALA B 336 -10.76 -10.65 30.40
CA ALA B 336 -10.89 -9.20 30.25
C ALA B 336 -12.10 -8.56 30.92
N GLN B 337 -12.75 -9.26 31.85
CA GLN B 337 -13.95 -8.70 32.47
C GLN B 337 -13.67 -7.43 33.26
N ASP B 338 -12.57 -7.39 34.00
CA ASP B 338 -12.25 -6.20 34.77
C ASP B 338 -12.01 -4.97 33.86
N ILE B 339 -11.34 -5.22 32.72
CA ILE B 339 -11.07 -4.17 31.74
C ILE B 339 -12.41 -3.60 31.27
N LEU B 340 -13.36 -4.50 31.02
CA LEU B 340 -14.67 -4.11 30.56
C LEU B 340 -15.40 -3.26 31.62
N ASP B 341 -15.23 -3.61 32.88
CA ASP B 341 -15.86 -2.89 34.00
C ASP B 341 -15.30 -1.48 34.13
N THR B 342 -13.99 -1.33 33.98
CA THR B 342 -13.35 -0.02 34.06
C THR B 342 -13.89 0.89 32.94
N LEU B 343 -13.93 0.35 31.74
CA LEU B 343 -14.44 1.05 30.56
C LEU B 343 -15.81 1.65 30.78
N GLU B 344 -16.69 0.85 31.36
CA GLU B 344 -18.07 1.27 31.60
C GLU B 344 -18.14 2.40 32.65
N ASP B 345 -17.36 2.26 33.71
CA ASP B 345 -17.26 3.29 34.74
C ASP B 345 -16.70 4.59 34.15
N ASN B 346 -15.69 4.50 33.30
CA ASN B 346 -15.07 5.66 32.69
C ASN B 346 -16.07 6.36 31.76
N ARG B 347 -16.84 5.56 31.04
CA ARG B 347 -17.86 6.07 30.13
C ARG B 347 -18.89 6.86 30.91
N ASN B 348 -19.28 6.32 32.08
CA ASN B 348 -20.25 6.98 32.95
C ASN B 348 -19.68 8.24 33.60
N TRP B 349 -18.37 8.26 33.85
CA TRP B 349 -17.76 9.45 34.38
C TRP B 349 -17.84 10.59 33.36
N TYR B 350 -17.42 10.32 32.13
CA TYR B 350 -17.43 11.34 31.11
C TYR B 350 -18.86 11.82 30.82
N GLN B 351 -19.79 10.88 30.78
CA GLN B 351 -21.21 11.18 30.54
C GLN B 351 -21.72 12.12 31.63
N SER B 352 -21.26 11.91 32.87
CA SER B 352 -21.67 12.74 34.03
C SER B 352 -21.07 14.15 34.00
N MET B 353 -19.99 14.32 33.24
CA MET B 353 -19.33 15.61 33.08
C MET B 353 -19.99 16.51 32.04
N ILE B 354 -20.95 15.96 31.29
CA ILE B 354 -21.73 16.73 30.30
C ILE B 354 -22.95 17.32 30.98
N PRO B 355 -23.10 18.64 30.94
CA PRO B 355 -24.31 19.28 31.50
C PRO B 355 -25.56 19.01 30.66
#